data_6IBQ
# 
_entry.id   6IBQ 
# 
_audit_conform.dict_name       mmcif_pdbx.dic 
_audit_conform.dict_version    5.383 
_audit_conform.dict_location   http://mmcif.pdb.org/dictionaries/ascii/mmcif_pdbx.dic 
# 
loop_
_database_2.database_id 
_database_2.database_code 
_database_2.pdbx_database_accession 
_database_2.pdbx_DOI 
PDB   6IBQ         pdb_00006ibq 10.2210/pdb6ibq/pdb 
WWPDB D_1200013099 ?            ?                   
# 
loop_
_pdbx_audit_revision_history.ordinal 
_pdbx_audit_revision_history.data_content_type 
_pdbx_audit_revision_history.major_revision 
_pdbx_audit_revision_history.minor_revision 
_pdbx_audit_revision_history.revision_date 
1 'Structure model' 1 0 2019-05-01 
2 'Structure model' 1 1 2019-05-29 
3 'Structure model' 1 2 2024-01-24 
# 
_pdbx_audit_revision_details.ordinal             1 
_pdbx_audit_revision_details.revision_ordinal    1 
_pdbx_audit_revision_details.data_content_type   'Structure model' 
_pdbx_audit_revision_details.provider            repository 
_pdbx_audit_revision_details.type                'Initial release' 
_pdbx_audit_revision_details.description         ? 
_pdbx_audit_revision_details.details             ? 
# 
loop_
_pdbx_audit_revision_group.ordinal 
_pdbx_audit_revision_group.revision_ordinal 
_pdbx_audit_revision_group.data_content_type 
_pdbx_audit_revision_group.group 
1 2 'Structure model' 'Data collection'        
2 2 'Structure model' 'Database references'    
3 3 'Structure model' 'Data collection'        
4 3 'Structure model' 'Database references'    
5 3 'Structure model' 'Refinement description' 
# 
loop_
_pdbx_audit_revision_category.ordinal 
_pdbx_audit_revision_category.revision_ordinal 
_pdbx_audit_revision_category.data_content_type 
_pdbx_audit_revision_category.category 
1 2 'Structure model' citation                      
2 2 'Structure model' citation_author               
3 2 'Structure model' pdbx_database_proc            
4 2 'Structure model' pdbx_seq_map_depositor_info   
5 3 'Structure model' chem_comp_atom                
6 3 'Structure model' chem_comp_bond                
7 3 'Structure model' database_2                    
8 3 'Structure model' pdbx_initial_refinement_model 
# 
loop_
_pdbx_audit_revision_item.ordinal 
_pdbx_audit_revision_item.revision_ordinal 
_pdbx_audit_revision_item.data_content_type 
_pdbx_audit_revision_item.item 
1 2 'Structure model' '_citation.journal_volume'                         
2 2 'Structure model' '_citation.page_first'                             
3 2 'Structure model' '_citation.page_last'                              
4 2 'Structure model' '_citation.pdbx_database_id_PubMed'                
5 2 'Structure model' '_citation.title'                                  
6 2 'Structure model' '_pdbx_seq_map_depositor_info.one_letter_code_mod' 
7 3 'Structure model' '_database_2.pdbx_DOI'                             
8 3 'Structure model' '_database_2.pdbx_database_accession'              
# 
_pdbx_database_status.status_code                     REL 
_pdbx_database_status.status_code_sf                  REL 
_pdbx_database_status.status_code_mr                  ? 
_pdbx_database_status.entry_id                        6IBQ 
_pdbx_database_status.recvd_initial_deposition_date   2018-11-30 
_pdbx_database_status.SG_entry                        N 
_pdbx_database_status.deposit_site                    PDBE 
_pdbx_database_status.process_site                    PDBE 
_pdbx_database_status.status_code_cs                  ? 
_pdbx_database_status.methods_development_category    ? 
_pdbx_database_status.pdb_format_compatible           Y 
_pdbx_database_status.status_code_nmr_data            ? 
# 
loop_
_audit_author.name 
_audit_author.pdbx_ordinal 
_audit_author.identifier_ORCID 
'de Wijn, R.' 1 0000-0002-8342-1008 
'Olieric, V.' 2 0000-0002-0533-7222 
'Lorber, B.'  3 0000-0002-4672-9652 
'Sauter, C.'  4 0000-0002-8766-287X 
# 
loop_
_citation.abstract 
_citation.abstract_id_CAS 
_citation.book_id_ISBN 
_citation.book_publisher 
_citation.book_publisher_city 
_citation.book_title 
_citation.coordinate_linkage 
_citation.country 
_citation.database_id_Medline 
_citation.details 
_citation.id 
_citation.journal_abbrev 
_citation.journal_id_ASTM 
_citation.journal_id_CSD 
_citation.journal_id_ISSN 
_citation.journal_full 
_citation.journal_issue 
_citation.journal_volume 
_citation.language 
_citation.page_first 
_citation.page_last 
_citation.title 
_citation.year 
_citation.database_id_CSD 
_citation.pdbx_database_id_DOI 
_citation.pdbx_database_id_PubMed 
_citation.unpublished_flag 
? ? ? ? ? ? ? UK ? ? primary Iucrj ?      ?    2052-2525 ? ? 6 ? 454  464  
;A simple and versatile microfluidic device for efficient biomacromolecule crystallization and structural analysis by serial crystallography.
;
2019 ? 10.1107/S2052252519003622 31098026 ? 
? ? ? ? ? ? ? UK ? ? 1       RNA   RNARFU 2122 1355-8382 ? ? 5 ? 1384 1395 
'A sulfate pocket formed by three GoU pairs in the 0.97 A resolution X-ray structure of a nonameric RNA.' 1999 ? ? 10573129 ? 
# 
loop_
_citation_author.citation_id 
_citation_author.name 
_citation_author.ordinal 
_citation_author.identifier_ORCID 
primary 'de Wijn, R.'           1  ?                   
primary 'Hennig, O.'            2  ?                   
primary 'Roche, J.'             3  ?                   
primary 'Engilberge, S.'        4  ?                   
primary 'Rollet, K.'            5  ?                   
primary 'Fernandez-Millan, P.'  6  ?                   
primary 'Brillet, K.'           7  ?                   
primary 'Betat, H.'             8  ?                   
primary 'Morl, M.'              9  ?                   
primary 'Roussel, A.'           10 ?                   
primary 'Girard, E.'            11 ?                   
primary 'Mueller-Dieckmann, C.' 12 ?                   
primary 'Fox, G.C.'             13 ?                   
primary 'Olieric, V.'           14 ?                   
primary 'Gavira, J.A.'          15 ?                   
primary 'Lorber, B.'            16 ?                   
primary 'Sauter, C.'            17 ?                   
1       'Masquida, B.'          18 ?                   
1       'Sauter, C.'            19 0000-0002-8766-287X 
1       'Westhof, E.'           20 ?                   
# 
loop_
_entity.id 
_entity.type 
_entity.src_method 
_entity.pdbx_description 
_entity.formula_weight 
_entity.pdbx_number_of_molecules 
_entity.pdbx_ec 
_entity.pdbx_mutation 
_entity.pdbx_fragment 
_entity.details 
1 polymer     syn 
;DNA/RNA (5'-R(*CP*GP*UP*GP*AP*UP*CP*G)-D(P*C)-3')
;
2831.743 2  ? ? ? ? 
2 non-polymer syn 'SULFATE ION'                                       96.063   1  ? ? ? ? 
3 water       nat water                                               18.015   43 ? ? ? ? 
# 
_entity_poly.entity_id                      1 
_entity_poly.type                           'polydeoxyribonucleotide/polyribonucleotide hybrid' 
_entity_poly.nstd_linkage                   no 
_entity_poly.nstd_monomer                   no 
_entity_poly.pdbx_seq_one_letter_code       'CGUGAUCG(DC)' 
_entity_poly.pdbx_seq_one_letter_code_can   CGUGAUCGC 
_entity_poly.pdbx_strand_id                 A,B 
_entity_poly.pdbx_target_identifier         ? 
# 
loop_
_pdbx_entity_nonpoly.entity_id 
_pdbx_entity_nonpoly.name 
_pdbx_entity_nonpoly.comp_id 
2 'SULFATE ION' SO4 
3 water         HOH 
# 
loop_
_entity_poly_seq.entity_id 
_entity_poly_seq.num 
_entity_poly_seq.mon_id 
_entity_poly_seq.hetero 
1 1 C  n 
1 2 G  n 
1 3 U  n 
1 4 G  n 
1 5 A  n 
1 6 U  n 
1 7 C  n 
1 8 G  n 
1 9 DC n 
# 
_pdbx_entity_src_syn.entity_id              1 
_pdbx_entity_src_syn.pdbx_src_id            1 
_pdbx_entity_src_syn.pdbx_alt_source_flag   sample 
_pdbx_entity_src_syn.pdbx_beg_seq_num       1 
_pdbx_entity_src_syn.pdbx_end_seq_num       9 
_pdbx_entity_src_syn.organism_scientific    Rattus 
_pdbx_entity_src_syn.organism_common_name   ? 
_pdbx_entity_src_syn.ncbi_taxonomy_id       10114 
_pdbx_entity_src_syn.details                ? 
# 
loop_
_chem_comp.id 
_chem_comp.type 
_chem_comp.mon_nstd_flag 
_chem_comp.name 
_chem_comp.pdbx_synonyms 
_chem_comp.formula 
_chem_comp.formula_weight 
A   'RNA linking' y "ADENOSINE-5'-MONOPHOSPHATE"        ? 'C10 H14 N5 O7 P' 347.221 
C   'RNA linking' y "CYTIDINE-5'-MONOPHOSPHATE"         ? 'C9 H14 N3 O8 P'  323.197 
DC  'DNA linking' y "2'-DEOXYCYTIDINE-5'-MONOPHOSPHATE" ? 'C9 H14 N3 O7 P'  307.197 
G   'RNA linking' y "GUANOSINE-5'-MONOPHOSPHATE"        ? 'C10 H14 N5 O8 P' 363.221 
HOH non-polymer   . WATER                               ? 'H2 O'            18.015  
SO4 non-polymer   . 'SULFATE ION'                       ? 'O4 S -2'         96.063  
U   'RNA linking' y "URIDINE-5'-MONOPHOSPHATE"          ? 'C9 H13 N2 O9 P'  324.181 
# 
loop_
_pdbx_poly_seq_scheme.asym_id 
_pdbx_poly_seq_scheme.entity_id 
_pdbx_poly_seq_scheme.seq_id 
_pdbx_poly_seq_scheme.mon_id 
_pdbx_poly_seq_scheme.ndb_seq_num 
_pdbx_poly_seq_scheme.pdb_seq_num 
_pdbx_poly_seq_scheme.auth_seq_num 
_pdbx_poly_seq_scheme.pdb_mon_id 
_pdbx_poly_seq_scheme.auth_mon_id 
_pdbx_poly_seq_scheme.pdb_strand_id 
_pdbx_poly_seq_scheme.pdb_ins_code 
_pdbx_poly_seq_scheme.hetero 
A 1 1 C  1 1  1  C  C  A . n 
A 1 2 G  2 2  2  G  G  A . n 
A 1 3 U  3 3  3  U  U  A . n 
A 1 4 G  4 4  4  G  G  A . n 
A 1 5 A  5 5  5  A  A  A . n 
A 1 6 U  6 6  6  U  U  A . n 
A 1 7 C  7 7  7  C  C  A . n 
A 1 8 G  8 8  8  G  G  A . n 
A 1 9 DC 9 9  9  DC DC A . n 
B 1 1 C  1 11 11 C  C  B . n 
B 1 2 G  2 12 12 G  G  B . n 
B 1 3 U  3 13 13 U  U  B . n 
B 1 4 G  4 14 14 G  G  B . n 
B 1 5 A  5 15 15 A  A  B . n 
B 1 6 U  6 16 16 U  U  B . n 
B 1 7 C  7 17 17 C  C  B . n 
B 1 8 G  8 18 18 G  G  B . n 
B 1 9 DC 9 19 19 DC DC B . n 
# 
loop_
_pdbx_nonpoly_scheme.asym_id 
_pdbx_nonpoly_scheme.entity_id 
_pdbx_nonpoly_scheme.mon_id 
_pdbx_nonpoly_scheme.ndb_seq_num 
_pdbx_nonpoly_scheme.pdb_seq_num 
_pdbx_nonpoly_scheme.auth_seq_num 
_pdbx_nonpoly_scheme.pdb_mon_id 
_pdbx_nonpoly_scheme.auth_mon_id 
_pdbx_nonpoly_scheme.pdb_strand_id 
_pdbx_nonpoly_scheme.pdb_ins_code 
C 2 SO4 1  101 1  SO4 SO4 B . 
D 3 HOH 1  101 30 HOH HOH A . 
D 3 HOH 2  102 17 HOH HOH A . 
D 3 HOH 3  103 39 HOH HOH A . 
D 3 HOH 4  104 29 HOH HOH A . 
D 3 HOH 5  105 8  HOH HOH A . 
D 3 HOH 6  106 47 HOH HOH A . 
D 3 HOH 7  107 9  HOH HOH A . 
D 3 HOH 8  108 27 HOH HOH A . 
D 3 HOH 9  109 25 HOH HOH A . 
D 3 HOH 10 110 15 HOH HOH A . 
D 3 HOH 11 111 41 HOH HOH A . 
D 3 HOH 12 112 32 HOH HOH A . 
D 3 HOH 13 113 22 HOH HOH A . 
D 3 HOH 14 114 31 HOH HOH A . 
D 3 HOH 15 115 24 HOH HOH A . 
D 3 HOH 16 116 43 HOH HOH A . 
E 3 HOH 1  201 10 HOH HOH B . 
E 3 HOH 2  202 12 HOH HOH B . 
E 3 HOH 3  203 7  HOH HOH B . 
E 3 HOH 4  204 13 HOH HOH B . 
E 3 HOH 5  205 34 HOH HOH B . 
E 3 HOH 6  206 48 HOH HOH B . 
E 3 HOH 7  207 16 HOH HOH B . 
E 3 HOH 8  208 28 HOH HOH B . 
E 3 HOH 9  209 5  HOH HOH B . 
E 3 HOH 10 210 35 HOH HOH B . 
E 3 HOH 11 211 6  HOH HOH B . 
E 3 HOH 12 212 33 HOH HOH B . 
E 3 HOH 13 213 49 HOH HOH B . 
E 3 HOH 14 214 11 HOH HOH B . 
E 3 HOH 15 215 3  HOH HOH B . 
E 3 HOH 16 216 36 HOH HOH B . 
E 3 HOH 17 217 14 HOH HOH B . 
E 3 HOH 18 218 18 HOH HOH B . 
E 3 HOH 19 219 40 HOH HOH B . 
E 3 HOH 20 220 2  HOH HOH B . 
E 3 HOH 21 221 26 HOH HOH B . 
E 3 HOH 22 222 21 HOH HOH B . 
E 3 HOH 23 223 19 HOH HOH B . 
E 3 HOH 24 224 46 HOH HOH B . 
E 3 HOH 25 225 45 HOH HOH B . 
E 3 HOH 26 226 44 HOH HOH B . 
E 3 HOH 27 227 42 HOH HOH B . 
# 
loop_
_pdbx_unobs_or_zero_occ_atoms.id 
_pdbx_unobs_or_zero_occ_atoms.PDB_model_num 
_pdbx_unobs_or_zero_occ_atoms.polymer_flag 
_pdbx_unobs_or_zero_occ_atoms.occupancy_flag 
_pdbx_unobs_or_zero_occ_atoms.auth_asym_id 
_pdbx_unobs_or_zero_occ_atoms.auth_comp_id 
_pdbx_unobs_or_zero_occ_atoms.auth_seq_id 
_pdbx_unobs_or_zero_occ_atoms.PDB_ins_code 
_pdbx_unobs_or_zero_occ_atoms.auth_atom_id 
_pdbx_unobs_or_zero_occ_atoms.label_alt_id 
_pdbx_unobs_or_zero_occ_atoms.label_asym_id 
_pdbx_unobs_or_zero_occ_atoms.label_comp_id 
_pdbx_unobs_or_zero_occ_atoms.label_seq_id 
_pdbx_unobs_or_zero_occ_atoms.label_atom_id 
1  1 Y 1 A C 1  ? "O5'" ? A C 1 "O5'" 
2  1 Y 1 A C 1  ? "C5'" ? A C 1 "C5'" 
3  1 Y 1 A C 1  ? "C4'" ? A C 1 "C4'" 
4  1 Y 1 A C 1  ? "O4'" ? A C 1 "O4'" 
5  1 Y 1 A C 1  ? "C3'" ? A C 1 "C3'" 
6  1 Y 1 A C 1  ? "C2'" ? A C 1 "C2'" 
7  1 Y 1 A C 1  ? "O2'" ? A C 1 "O2'" 
8  1 Y 1 A C 1  ? "C1'" ? A C 1 "C1'" 
9  1 Y 1 A C 1  ? N1    ? A C 1 N1    
10 1 Y 1 A C 1  ? C2    ? A C 1 C2    
11 1 Y 1 A C 1  ? O2    ? A C 1 O2    
12 1 Y 1 A C 1  ? N3    ? A C 1 N3    
13 1 Y 1 A C 1  ? C4    ? A C 1 C4    
14 1 Y 1 A C 1  ? N4    ? A C 1 N4    
15 1 Y 1 A C 1  ? C5    ? A C 1 C5    
16 1 Y 1 A C 1  ? C6    ? A C 1 C6    
17 1 Y 1 B C 11 ? "O5'" ? B C 1 "O5'" 
18 1 Y 1 B C 11 ? "C5'" ? B C 1 "C5'" 
19 1 Y 1 B C 11 ? "C4'" ? B C 1 "C4'" 
20 1 Y 1 B C 11 ? "O4'" ? B C 1 "O4'" 
21 1 Y 1 B C 11 ? "C3'" ? B C 1 "C3'" 
22 1 Y 1 B C 11 ? "C2'" ? B C 1 "C2'" 
23 1 Y 1 B C 11 ? "O2'" ? B C 1 "O2'" 
24 1 Y 1 B C 11 ? "C1'" ? B C 1 "C1'" 
25 1 Y 1 B C 11 ? N1    ? B C 1 N1    
26 1 Y 1 B C 11 ? C2    ? B C 1 C2    
27 1 Y 1 B C 11 ? O2    ? B C 1 O2    
28 1 Y 1 B C 11 ? N3    ? B C 1 N3    
29 1 Y 1 B C 11 ? C4    ? B C 1 C4    
30 1 Y 1 B C 11 ? N4    ? B C 1 N4    
31 1 Y 1 B C 11 ? C5    ? B C 1 C5    
32 1 Y 1 B C 11 ? C6    ? B C 1 C6    
# 
loop_
_software.citation_id 
_software.classification 
_software.compiler_name 
_software.compiler_version 
_software.contact_author 
_software.contact_author_email 
_software.date 
_software.description 
_software.dependencies 
_software.hardware 
_software.language 
_software.location 
_software.mods 
_software.name 
_software.os 
_software.os_version 
_software.type 
_software.version 
_software.pdbx_ordinal 
? refinement       ? ? ? ? ? ? ? ? ? ? ? PHENIX ? ? ? 1.13_2998 1 
? 'data reduction' ? ? ? ? ? ? ? ? ? ? ? XDS    ? ? ? 20180808  2 
? 'data scaling'   ? ? ? ? ? ? ? ? ? ? ? XSCALE ? ? ? 20180808  3 
? phasing          ? ? ? ? ? ? ? ? ? ? ? PHENIX ? ? ? 1.13_2998 4 
# 
_cell.angle_alpha                  90.00 
_cell.angle_alpha_esd              ? 
_cell.angle_beta                   90.00 
_cell.angle_beta_esd               ? 
_cell.angle_gamma                  120.00 
_cell.angle_gamma_esd              ? 
_cell.entry_id                     6IBQ 
_cell.details                      ? 
_cell.formula_units_Z              ? 
_cell.length_a                     40.000 
_cell.length_a_esd                 ? 
_cell.length_b                     40.000 
_cell.length_b_esd                 ? 
_cell.length_c                     69.110 
_cell.length_c_esd                 ? 
_cell.volume                       ? 
_cell.volume_esd                   ? 
_cell.Z_PDB                        18 
_cell.reciprocal_angle_alpha       ? 
_cell.reciprocal_angle_beta        ? 
_cell.reciprocal_angle_gamma       ? 
_cell.reciprocal_angle_alpha_esd   ? 
_cell.reciprocal_angle_beta_esd    ? 
_cell.reciprocal_angle_gamma_esd   ? 
_cell.reciprocal_length_a          ? 
_cell.reciprocal_length_b          ? 
_cell.reciprocal_length_c          ? 
_cell.reciprocal_length_a_esd      ? 
_cell.reciprocal_length_b_esd      ? 
_cell.reciprocal_length_c_esd      ? 
_cell.pdbx_unique_axis             ? 
# 
_symmetry.entry_id                         6IBQ 
_symmetry.cell_setting                     ? 
_symmetry.Int_Tables_number                146 
_symmetry.space_group_name_Hall            ? 
_symmetry.space_group_name_H-M             'H 3' 
_symmetry.pdbx_full_space_group_name_H-M   ? 
# 
_exptl.absorpt_coefficient_mu     ? 
_exptl.absorpt_correction_T_max   ? 
_exptl.absorpt_correction_T_min   ? 
_exptl.absorpt_correction_type    ? 
_exptl.absorpt_process_details    ? 
_exptl.entry_id                   6IBQ 
_exptl.crystals_number            1 
_exptl.details                    ? 
_exptl.method                     'X-RAY DIFFRACTION' 
_exptl.method_details             ? 
# 
_exptl_crystal.colour                      ? 
_exptl_crystal.density_diffrn              ? 
_exptl_crystal.density_Matthews            1.83 
_exptl_crystal.density_method              ? 
_exptl_crystal.density_percent_sol         54.7 
_exptl_crystal.description                 ? 
_exptl_crystal.F_000                       ? 
_exptl_crystal.id                          1 
_exptl_crystal.preparation                 ? 
_exptl_crystal.size_max                    ? 
_exptl_crystal.size_mid                    ? 
_exptl_crystal.size_min                    ? 
_exptl_crystal.size_rad                    ? 
_exptl_crystal.colour_lustre               ? 
_exptl_crystal.colour_modifier             ? 
_exptl_crystal.colour_primary              ? 
_exptl_crystal.density_meas                ? 
_exptl_crystal.density_meas_esd            ? 
_exptl_crystal.density_meas_gt             ? 
_exptl_crystal.density_meas_lt             ? 
_exptl_crystal.density_meas_temp           ? 
_exptl_crystal.density_meas_temp_esd       ? 
_exptl_crystal.density_meas_temp_gt        ? 
_exptl_crystal.density_meas_temp_lt        ? 
_exptl_crystal.pdbx_crystal_image_url      ? 
_exptl_crystal.pdbx_crystal_image_format   ? 
_exptl_crystal.pdbx_mosaicity              ? 
_exptl_crystal.pdbx_mosaicity_esd          ? 
# 
_exptl_crystal_grow.apparatus       ? 
_exptl_crystal_grow.atmosphere      ? 
_exptl_crystal_grow.crystal_id      1 
_exptl_crystal_grow.details         ? 
_exptl_crystal_grow.method          COUNTER-DIFFUSION 
_exptl_crystal_grow.method_ref      ? 
_exptl_crystal_grow.pH              6.0 
_exptl_crystal_grow.pressure        ? 
_exptl_crystal_grow.pressure_esd    ? 
_exptl_crystal_grow.seeding         ? 
_exptl_crystal_grow.seeding_ref     ? 
_exptl_crystal_grow.temp            300 
_exptl_crystal_grow.temp_details    ? 
_exptl_crystal_grow.temp_esd        ? 
_exptl_crystal_grow.time            ? 
_exptl_crystal_grow.pdbx_details    
;RNA solution: 10 mg/mL in 10 mM Na-cacodylate pH 6.0, 5 mM MgCl2.
Reservoir solution: 2.6 M  ammonium sulfate, 50 mM Na-cacodylate pH 6.0,
5 mM MgSO4, 1 mM spermine.
Crystallization and crystallographic analysis were performed using the ChipX microfluidic device.
;
_exptl_crystal_grow.pdbx_pH_range   ? 
# 
_diffrn.ambient_environment              ? 
_diffrn.ambient_temp                     293 
_diffrn.ambient_temp_details             'in situ' 
_diffrn.ambient_temp_esd                 ? 
_diffrn.crystal_id                       1 
_diffrn.crystal_support                  ? 
_diffrn.crystal_treatment                ? 
_diffrn.details                          ? 
_diffrn.id                               1 
_diffrn.ambient_pressure                 ? 
_diffrn.ambient_pressure_esd             ? 
_diffrn.ambient_pressure_gt              ? 
_diffrn.ambient_pressure_lt              ? 
_diffrn.ambient_temp_gt                  ? 
_diffrn.ambient_temp_lt                  ? 
_diffrn.pdbx_serial_crystal_experiment   N 
# 
_diffrn_detector.details                      ? 
_diffrn_detector.detector                     CCD 
_diffrn_detector.diffrn_id                    1 
_diffrn_detector.type                         'MARMOSAIC 225 mm CCD' 
_diffrn_detector.area_resol_mean              ? 
_diffrn_detector.dtime                        ? 
_diffrn_detector.pdbx_frames_total            ? 
_diffrn_detector.pdbx_collection_time_total   ? 
_diffrn_detector.pdbx_collection_date         2011-08-31 
_diffrn_detector.pdbx_frequency               ? 
# 
_diffrn_radiation.collimation                      ? 
_diffrn_radiation.diffrn_id                        1 
_diffrn_radiation.filter_edge                      ? 
_diffrn_radiation.inhomogeneity                    ? 
_diffrn_radiation.monochromator                    'Bartel monochromator with dual channel cut crystals (DCCM)' 
_diffrn_radiation.polarisn_norm                    ? 
_diffrn_radiation.polarisn_ratio                   ? 
_diffrn_radiation.probe                            ? 
_diffrn_radiation.type                             ? 
_diffrn_radiation.xray_symbol                      ? 
_diffrn_radiation.wavelength_id                    1 
_diffrn_radiation.pdbx_monochromatic_or_laue_m_l   M 
_diffrn_radiation.pdbx_wavelength_list             ? 
_diffrn_radiation.pdbx_wavelength                  ? 
_diffrn_radiation.pdbx_diffrn_protocol             'SINGLE WAVELENGTH' 
_diffrn_radiation.pdbx_analyzer                    ? 
_diffrn_radiation.pdbx_scattering_type             x-ray 
# 
_diffrn_radiation_wavelength.id           1 
_diffrn_radiation_wavelength.wavelength   1.000 
_diffrn_radiation_wavelength.wt           1.0 
# 
_diffrn_source.current                     ? 
_diffrn_source.details                     ? 
_diffrn_source.diffrn_id                   1 
_diffrn_source.power                       ? 
_diffrn_source.size                        ? 
_diffrn_source.source                      SYNCHROTRON 
_diffrn_source.target                      ? 
_diffrn_source.type                        'SLS BEAMLINE X06DA' 
_diffrn_source.voltage                     ? 
_diffrn_source.take-off_angle              ? 
_diffrn_source.pdbx_wavelength_list        1.000 
_diffrn_source.pdbx_wavelength             ? 
_diffrn_source.pdbx_synchrotron_beamline   X06DA 
_diffrn_source.pdbx_synchrotron_site       SLS 
# 
_reflns.B_iso_Wilson_estimate            23.6 
_reflns.entry_id                         6IBQ 
_reflns.data_reduction_details           ? 
_reflns.data_reduction_method            ? 
_reflns.d_resolution_high                1.55 
_reflns.d_resolution_low                 24. 
_reflns.details                          ? 
_reflns.limit_h_max                      ? 
_reflns.limit_h_min                      ? 
_reflns.limit_k_max                      ? 
_reflns.limit_k_min                      ? 
_reflns.limit_l_max                      ? 
_reflns.limit_l_min                      ? 
_reflns.number_all                       ? 
_reflns.number_obs                       5485 
_reflns.observed_criterion               ? 
_reflns.observed_criterion_F_max         ? 
_reflns.observed_criterion_F_min         ? 
_reflns.observed_criterion_I_max         ? 
_reflns.observed_criterion_I_min         ? 
_reflns.observed_criterion_sigma_F       ? 
_reflns.observed_criterion_sigma_I       -3 
_reflns.percent_possible_obs             91.5 
_reflns.R_free_details                   ? 
_reflns.Rmerge_F_all                     ? 
_reflns.Rmerge_F_obs                     ? 
_reflns.Friedel_coverage                 ? 
_reflns.number_gt                        ? 
_reflns.threshold_expression             ? 
_reflns.pdbx_redundancy                  3.9 
_reflns.pdbx_Rmerge_I_obs                0.157 
_reflns.pdbx_Rmerge_I_all                ? 
_reflns.pdbx_Rsym_value                  ? 
_reflns.pdbx_netI_over_av_sigmaI         ? 
_reflns.pdbx_netI_over_sigmaI            6.1 
_reflns.pdbx_res_netI_over_av_sigmaI_2   ? 
_reflns.pdbx_res_netI_over_sigmaI_2      ? 
_reflns.pdbx_chi_squared                 ? 
_reflns.pdbx_scaling_rejects             ? 
_reflns.pdbx_d_res_high_opt              ? 
_reflns.pdbx_d_res_low_opt               ? 
_reflns.pdbx_d_res_opt_method            ? 
_reflns.phase_calculation_details        ? 
_reflns.pdbx_Rrim_I_all                  0.179 
_reflns.pdbx_Rpim_I_all                  ? 
_reflns.pdbx_d_opt                       ? 
_reflns.pdbx_number_measured_all         ? 
_reflns.pdbx_diffrn_id                   1 
_reflns.pdbx_ordinal                     1 
_reflns.pdbx_CC_half                     0.988 
_reflns.pdbx_R_split                     ? 
# 
_reflns_shell.d_res_high                  1.55 
_reflns_shell.d_res_low                   1.59 
_reflns_shell.meanI_over_sigI_all         ? 
_reflns_shell.meanI_over_sigI_obs         1.8 
_reflns_shell.number_measured_all         ? 
_reflns_shell.number_measured_obs         ? 
_reflns_shell.number_possible             ? 
_reflns_shell.number_unique_all           ? 
_reflns_shell.number_unique_obs           304 
_reflns_shell.percent_possible_all        69.7 
_reflns_shell.percent_possible_obs        ? 
_reflns_shell.Rmerge_F_all                ? 
_reflns_shell.Rmerge_F_obs                ? 
_reflns_shell.Rmerge_I_all                ? 
_reflns_shell.Rmerge_I_obs                0.367 
_reflns_shell.meanI_over_sigI_gt          ? 
_reflns_shell.meanI_over_uI_all           ? 
_reflns_shell.meanI_over_uI_gt            ? 
_reflns_shell.number_measured_gt          ? 
_reflns_shell.number_unique_gt            ? 
_reflns_shell.percent_possible_gt         ? 
_reflns_shell.Rmerge_F_gt                 ? 
_reflns_shell.Rmerge_I_gt                 ? 
_reflns_shell.pdbx_redundancy             2.0 
_reflns_shell.pdbx_Rsym_value             ? 
_reflns_shell.pdbx_chi_squared            ? 
_reflns_shell.pdbx_netI_over_sigmaI_all   ? 
_reflns_shell.pdbx_netI_over_sigmaI_obs   ? 
_reflns_shell.pdbx_Rrim_I_all             0.455 
_reflns_shell.pdbx_Rpim_I_all             ? 
_reflns_shell.pdbx_rejects                ? 
_reflns_shell.pdbx_ordinal                1 
_reflns_shell.pdbx_diffrn_id              1 
_reflns_shell.pdbx_CC_half                0.755 
_reflns_shell.pdbx_R_split                ? 
# 
_refine.aniso_B[1][1]                            ? 
_refine.aniso_B[1][2]                            ? 
_refine.aniso_B[1][3]                            ? 
_refine.aniso_B[2][2]                            ? 
_refine.aniso_B[2][3]                            ? 
_refine.aniso_B[3][3]                            ? 
_refine.B_iso_max                                ? 
_refine.B_iso_mean                               ? 
_refine.B_iso_min                                ? 
_refine.correlation_coeff_Fo_to_Fc               ? 
_refine.correlation_coeff_Fo_to_Fc_free          ? 
_refine.details                                  
;The structure was refined using data collected on four crystals at room temperature. 
The first nucleotide of each chain was not visible in the electron density and is not included in the model.
;
_refine.diff_density_max                         ? 
_refine.diff_density_max_esd                     ? 
_refine.diff_density_min                         ? 
_refine.diff_density_min_esd                     ? 
_refine.diff_density_rms                         ? 
_refine.diff_density_rms_esd                     ? 
_refine.entry_id                                 6IBQ 
_refine.pdbx_refine_id                           'X-RAY DIFFRACTION' 
_refine.ls_abs_structure_details                 ? 
_refine.ls_abs_structure_Flack                   ? 
_refine.ls_abs_structure_Flack_esd               ? 
_refine.ls_abs_structure_Rogers                  ? 
_refine.ls_abs_structure_Rogers_esd              ? 
_refine.ls_d_res_high                            1.550 
_refine.ls_d_res_low                             23.037 
_refine.ls_extinction_coef                       ? 
_refine.ls_extinction_coef_esd                   ? 
_refine.ls_extinction_expression                 ? 
_refine.ls_extinction_method                     ? 
_refine.ls_goodness_of_fit_all                   ? 
_refine.ls_goodness_of_fit_all_esd               ? 
_refine.ls_goodness_of_fit_obs                   ? 
_refine.ls_goodness_of_fit_obs_esd               ? 
_refine.ls_hydrogen_treatment                    ? 
_refine.ls_matrix_type                           ? 
_refine.ls_number_constraints                    ? 
_refine.ls_number_parameters                     ? 
_refine.ls_number_reflns_all                     ? 
_refine.ls_number_reflns_obs                     5484 
_refine.ls_number_reflns_R_free                  382 
_refine.ls_number_reflns_R_work                  ? 
_refine.ls_number_restraints                     ? 
_refine.ls_percent_reflns_obs                    91.52 
_refine.ls_percent_reflns_R_free                 6.97 
_refine.ls_R_factor_all                          ? 
_refine.ls_R_factor_obs                          0.2073 
_refine.ls_R_factor_R_free                       0.2228 
_refine.ls_R_factor_R_free_error                 ? 
_refine.ls_R_factor_R_free_error_details         ? 
_refine.ls_R_factor_R_work                       0.1924 
_refine.ls_R_Fsqd_factor_obs                     ? 
_refine.ls_R_I_factor_obs                        ? 
_refine.ls_redundancy_reflns_all                 ? 
_refine.ls_redundancy_reflns_obs                 ? 
_refine.ls_restrained_S_all                      ? 
_refine.ls_restrained_S_obs                      ? 
_refine.ls_shift_over_esd_max                    ? 
_refine.ls_shift_over_esd_mean                   ? 
_refine.ls_structure_factor_coef                 ? 
_refine.ls_weighting_details                     ? 
_refine.ls_weighting_scheme                      ? 
_refine.ls_wR_factor_all                         ? 
_refine.ls_wR_factor_obs                         ? 
_refine.ls_wR_factor_R_free                      ? 
_refine.ls_wR_factor_R_work                      ? 
_refine.occupancy_max                            ? 
_refine.occupancy_min                            ? 
_refine.solvent_model_details                    ? 
_refine.solvent_model_param_bsol                 ? 
_refine.solvent_model_param_ksol                 ? 
_refine.ls_R_factor_gt                           ? 
_refine.ls_goodness_of_fit_gt                    ? 
_refine.ls_goodness_of_fit_ref                   ? 
_refine.ls_shift_over_su_max                     ? 
_refine.ls_shift_over_su_max_lt                  ? 
_refine.ls_shift_over_su_mean                    ? 
_refine.ls_shift_over_su_mean_lt                 ? 
_refine.pdbx_ls_sigma_I                          ? 
_refine.pdbx_ls_sigma_F                          2.55 
_refine.pdbx_ls_sigma_Fsqd                       ? 
_refine.pdbx_data_cutoff_high_absF               ? 
_refine.pdbx_data_cutoff_high_rms_absF           ? 
_refine.pdbx_data_cutoff_low_absF                ? 
_refine.pdbx_isotropic_thermal_model             ? 
_refine.pdbx_ls_cross_valid_method               THROUGHOUT 
_refine.pdbx_method_to_determine_struct          'MOLECULAR REPLACEMENT' 
_refine.pdbx_starting_model                      485D 
_refine.pdbx_stereochemistry_target_values       ? 
_refine.pdbx_R_Free_selection_details            'Random selection' 
_refine.pdbx_stereochem_target_val_spec_case     ? 
_refine.pdbx_overall_ESU_R                       ? 
_refine.pdbx_overall_ESU_R_Free                  ? 
_refine.pdbx_solvent_vdw_probe_radii             1.11 
_refine.pdbx_solvent_ion_probe_radii             ? 
_refine.pdbx_solvent_shrinkage_radii             0.90 
_refine.pdbx_real_space_R                        ? 
_refine.pdbx_density_correlation                 ? 
_refine.pdbx_pd_number_of_powder_patterns        ? 
_refine.pdbx_pd_number_of_points                 ? 
_refine.pdbx_pd_meas_number_of_points            ? 
_refine.pdbx_pd_proc_ls_prof_R_factor            ? 
_refine.pdbx_pd_proc_ls_prof_wR_factor           ? 
_refine.pdbx_pd_Marquardt_correlation_coeff      ? 
_refine.pdbx_pd_Fsqrd_R_factor                   ? 
_refine.pdbx_pd_ls_matrix_band_width             ? 
_refine.pdbx_overall_phase_error                 25.79 
_refine.pdbx_overall_SU_R_free_Cruickshank_DPI   ? 
_refine.pdbx_overall_SU_R_free_Blow_DPI          ? 
_refine.pdbx_overall_SU_R_Blow_DPI               ? 
_refine.pdbx_TLS_residual_ADP_flag               ? 
_refine.pdbx_diffrn_id                           1 
_refine.overall_SU_B                             ? 
_refine.overall_SU_ML                            ? 
_refine.overall_SU_R_Cruickshank_DPI             ? 
_refine.overall_SU_R_free                        ? 
_refine.overall_FOM_free_R_set                   ? 
_refine.overall_FOM_work_R_set                   ? 
_refine.pdbx_average_fsc_overall                 ? 
_refine.pdbx_average_fsc_work                    ? 
_refine.pdbx_average_fsc_free                    ? 
# 
_refine_hist.pdbx_refine_id                   'X-RAY DIFFRACTION' 
_refine_hist.cycle_id                         LAST 
_refine_hist.pdbx_number_atoms_protein        0 
_refine_hist.pdbx_number_atoms_nucleic_acid   342 
_refine_hist.pdbx_number_atoms_ligand         5 
_refine_hist.number_atoms_solvent             43 
_refine_hist.number_atoms_total               390 
_refine_hist.d_res_high                       1.550 
_refine_hist.d_res_low                        23.037 
# 
loop_
_refine_ls_restr.pdbx_refine_id 
_refine_ls_restr.criterion 
_refine_ls_restr.dev_ideal 
_refine_ls_restr.dev_ideal_target 
_refine_ls_restr.number 
_refine_ls_restr.rejects 
_refine_ls_restr.type 
_refine_ls_restr.weight 
_refine_ls_restr.pdbx_restraint_function 
'X-RAY DIFFRACTION' ? 0.004 ? 384 ? f_bond_d           ? ? 
'X-RAY DIFFRACTION' ? 0.680 ? 596 ? f_angle_d          ? ? 
'X-RAY DIFFRACTION' ? 8.740 ? 182 ? f_dihedral_angle_d ? ? 
'X-RAY DIFFRACTION' ? 0.031 ? 78  ? f_chiral_restr     ? ? 
'X-RAY DIFFRACTION' ? 0.003 ? 16  ? f_plane_restr      ? ? 
# 
_struct.entry_id                     6IBQ 
_struct.title                        'Structure of a nonameric RNA duplex at room temperature in ChipX microfluidic device' 
_struct.pdbx_model_details           ? 
_struct.pdbx_formula_weight          ? 
_struct.pdbx_formula_weight_method   ? 
_struct.pdbx_model_type_details      ? 
_struct.pdbx_CASP_flag               N 
# 
_struct_keywords.entry_id        6IBQ 
_struct_keywords.text            'RNA duplex, GoU pair, chipx, RNA' 
_struct_keywords.pdbx_keywords   RNA 
# 
loop_
_struct_asym.id 
_struct_asym.pdbx_blank_PDB_chainid_flag 
_struct_asym.pdbx_modified 
_struct_asym.entity_id 
_struct_asym.details 
A N N 1 ? 
B N N 1 ? 
C N N 2 ? 
D N N 3 ? 
E N N 3 ? 
# 
_struct_ref.id                         1 
_struct_ref.db_name                    PDB 
_struct_ref.db_code                    6IBQ 
_struct_ref.pdbx_db_accession          6IBQ 
_struct_ref.pdbx_db_isoform            ? 
_struct_ref.entity_id                  1 
_struct_ref.pdbx_seq_one_letter_code   ? 
_struct_ref.pdbx_align_begin           1 
# 
loop_
_struct_ref_seq.align_id 
_struct_ref_seq.ref_id 
_struct_ref_seq.pdbx_PDB_id_code 
_struct_ref_seq.pdbx_strand_id 
_struct_ref_seq.seq_align_beg 
_struct_ref_seq.pdbx_seq_align_beg_ins_code 
_struct_ref_seq.seq_align_end 
_struct_ref_seq.pdbx_seq_align_end_ins_code 
_struct_ref_seq.pdbx_db_accession 
_struct_ref_seq.db_align_beg 
_struct_ref_seq.pdbx_db_align_beg_ins_code 
_struct_ref_seq.db_align_end 
_struct_ref_seq.pdbx_db_align_end_ins_code 
_struct_ref_seq.pdbx_auth_seq_align_beg 
_struct_ref_seq.pdbx_auth_seq_align_end 
1 1 6IBQ A 1 ? 9 ? 6IBQ 1  ? 9  ? 1  9  
2 1 6IBQ B 1 ? 9 ? 6IBQ 11 ? 19 ? 11 19 
# 
_pdbx_struct_assembly.id                   1 
_pdbx_struct_assembly.details              author_and_software_defined_assembly 
_pdbx_struct_assembly.method_details       PISA 
_pdbx_struct_assembly.oligomeric_details   dimeric 
_pdbx_struct_assembly.oligomeric_count     2 
# 
loop_
_pdbx_struct_assembly_prop.biol_id 
_pdbx_struct_assembly_prop.type 
_pdbx_struct_assembly_prop.value 
_pdbx_struct_assembly_prop.details 
1 'ABSA (A^2)' 860  ? 
1 MORE         -9   ? 
1 'SSA (A^2)'  3360 ? 
# 
_pdbx_struct_assembly_gen.assembly_id       1 
_pdbx_struct_assembly_gen.oper_expression   1 
_pdbx_struct_assembly_gen.asym_id_list      A,B,C,D,E 
# 
_pdbx_struct_assembly_auth_evidence.id                     1 
_pdbx_struct_assembly_auth_evidence.assembly_id            1 
_pdbx_struct_assembly_auth_evidence.experimental_support   'native gel electrophoresis' 
_pdbx_struct_assembly_auth_evidence.details                ? 
# 
_pdbx_struct_oper_list.id                   1 
_pdbx_struct_oper_list.type                 'identity operation' 
_pdbx_struct_oper_list.name                 1_555 
_pdbx_struct_oper_list.symmetry_operation   x,y,z 
_pdbx_struct_oper_list.matrix[1][1]         1.0000000000 
_pdbx_struct_oper_list.matrix[1][2]         0.0000000000 
_pdbx_struct_oper_list.matrix[1][3]         0.0000000000 
_pdbx_struct_oper_list.vector[1]            0.0000000000 
_pdbx_struct_oper_list.matrix[2][1]         0.0000000000 
_pdbx_struct_oper_list.matrix[2][2]         1.0000000000 
_pdbx_struct_oper_list.matrix[2][3]         0.0000000000 
_pdbx_struct_oper_list.vector[2]            0.0000000000 
_pdbx_struct_oper_list.matrix[3][1]         0.0000000000 
_pdbx_struct_oper_list.matrix[3][2]         0.0000000000 
_pdbx_struct_oper_list.matrix[3][3]         1.0000000000 
_pdbx_struct_oper_list.vector[3]            0.0000000000 
# 
loop_
_struct_conn.id 
_struct_conn.conn_type_id 
_struct_conn.pdbx_leaving_atom_flag 
_struct_conn.pdbx_PDB_id 
_struct_conn.ptnr1_label_asym_id 
_struct_conn.ptnr1_label_comp_id 
_struct_conn.ptnr1_label_seq_id 
_struct_conn.ptnr1_label_atom_id 
_struct_conn.pdbx_ptnr1_label_alt_id 
_struct_conn.pdbx_ptnr1_PDB_ins_code 
_struct_conn.pdbx_ptnr1_standard_comp_id 
_struct_conn.ptnr1_symmetry 
_struct_conn.ptnr2_label_asym_id 
_struct_conn.ptnr2_label_comp_id 
_struct_conn.ptnr2_label_seq_id 
_struct_conn.ptnr2_label_atom_id 
_struct_conn.pdbx_ptnr2_label_alt_id 
_struct_conn.pdbx_ptnr2_PDB_ins_code 
_struct_conn.ptnr1_auth_asym_id 
_struct_conn.ptnr1_auth_comp_id 
_struct_conn.ptnr1_auth_seq_id 
_struct_conn.ptnr2_auth_asym_id 
_struct_conn.ptnr2_auth_comp_id 
_struct_conn.ptnr2_auth_seq_id 
_struct_conn.ptnr2_symmetry 
_struct_conn.pdbx_ptnr3_label_atom_id 
_struct_conn.pdbx_ptnr3_label_seq_id 
_struct_conn.pdbx_ptnr3_label_comp_id 
_struct_conn.pdbx_ptnr3_label_asym_id 
_struct_conn.pdbx_ptnr3_label_alt_id 
_struct_conn.pdbx_ptnr3_PDB_ins_code 
_struct_conn.details 
_struct_conn.pdbx_dist_value 
_struct_conn.pdbx_value_order 
_struct_conn.pdbx_role 
hydrog1  hydrog ? ? A G  2 N1 ? ? ? 1_555 B DC 9 N3 ? ? A G  2 B DC 19 1_555 ? ? ? ? ? ? WATSON-CRICK ? ? ? 
hydrog2  hydrog ? ? A G  2 N2 ? ? ? 1_555 B DC 9 O2 ? ? A G  2 B DC 19 1_555 ? ? ? ? ? ? WATSON-CRICK ? ? ? 
hydrog3  hydrog ? ? A G  2 O6 ? ? ? 1_555 B DC 9 N4 ? ? A G  2 B DC 19 1_555 ? ? ? ? ? ? WATSON-CRICK ? ? ? 
hydrog4  hydrog ? ? A U  3 N3 ? ? ? 1_555 B G  8 O6 ? ? A U  3 B G  18 1_555 ? ? ? ? ? ? TYPE_28_PAIR ? ? ? 
hydrog5  hydrog ? ? A U  3 O2 ? ? ? 1_555 B G  8 N1 ? ? A U  3 B G  18 1_555 ? ? ? ? ? ? TYPE_28_PAIR ? ? ? 
hydrog6  hydrog ? ? A G  4 N1 ? ? ? 1_555 B C  7 N3 ? ? A G  4 B C  17 1_555 ? ? ? ? ? ? WATSON-CRICK ? ? ? 
hydrog7  hydrog ? ? A G  4 N2 ? ? ? 1_555 B C  7 O2 ? ? A G  4 B C  17 1_555 ? ? ? ? ? ? WATSON-CRICK ? ? ? 
hydrog8  hydrog ? ? A G  4 O6 ? ? ? 1_555 B C  7 N4 ? ? A G  4 B C  17 1_555 ? ? ? ? ? ? WATSON-CRICK ? ? ? 
hydrog9  hydrog ? ? A A  5 N1 ? ? ? 1_555 B U  6 N3 ? ? A A  5 B U  16 1_555 ? ? ? ? ? ? WATSON-CRICK ? ? ? 
hydrog10 hydrog ? ? A A  5 N6 ? ? ? 1_555 B U  6 O4 ? ? A A  5 B U  16 1_555 ? ? ? ? ? ? WATSON-CRICK ? ? ? 
hydrog11 hydrog ? ? A U  6 N3 ? ? ? 1_555 B A  5 N1 ? ? A U  6 B A  15 1_555 ? ? ? ? ? ? WATSON-CRICK ? ? ? 
hydrog12 hydrog ? ? A U  6 O4 ? ? ? 1_555 B A  5 N6 ? ? A U  6 B A  15 1_555 ? ? ? ? ? ? WATSON-CRICK ? ? ? 
hydrog13 hydrog ? ? A C  7 N3 ? ? ? 1_555 B G  4 N1 ? ? A C  7 B G  14 1_555 ? ? ? ? ? ? WATSON-CRICK ? ? ? 
hydrog14 hydrog ? ? A C  7 N4 ? ? ? 1_555 B G  4 O6 ? ? A C  7 B G  14 1_555 ? ? ? ? ? ? WATSON-CRICK ? ? ? 
hydrog15 hydrog ? ? A C  7 O2 ? ? ? 1_555 B G  4 N2 ? ? A C  7 B G  14 1_555 ? ? ? ? ? ? WATSON-CRICK ? ? ? 
hydrog16 hydrog ? ? A G  8 N1 ? ? ? 1_555 B U  3 O2 ? ? A G  8 B U  13 1_555 ? ? ? ? ? ? TYPE_28_PAIR ? ? ? 
hydrog17 hydrog ? ? A G  8 O6 ? ? ? 1_555 B U  3 N3 ? ? A G  8 B U  13 1_555 ? ? ? ? ? ? TYPE_28_PAIR ? ? ? 
hydrog18 hydrog ? ? A DC 9 N3 ? ? ? 1_555 B G  2 N1 ? ? A DC 9 B G  12 1_555 ? ? ? ? ? ? WATSON-CRICK ? ? ? 
hydrog19 hydrog ? ? A DC 9 N4 ? ? ? 1_555 B G  2 O6 ? ? A DC 9 B G  12 1_555 ? ? ? ? ? ? WATSON-CRICK ? ? ? 
hydrog20 hydrog ? ? A DC 9 O2 ? ? ? 1_555 B G  2 N2 ? ? A DC 9 B G  12 1_555 ? ? ? ? ? ? WATSON-CRICK ? ? ? 
# 
_struct_conn_type.id          hydrog 
_struct_conn_type.criteria    ? 
_struct_conn_type.reference   ? 
# 
_struct_site.id                   AC1 
_struct_site.pdbx_evidence_code   Software 
_struct_site.pdbx_auth_asym_id    B 
_struct_site.pdbx_auth_comp_id    SO4 
_struct_site.pdbx_auth_seq_id     101 
_struct_site.pdbx_auth_ins_code   ? 
_struct_site.pdbx_num_residues    9 
_struct_site.details              'binding site for residue SO4 B 101' 
# 
loop_
_struct_site_gen.id 
_struct_site_gen.site_id 
_struct_site_gen.pdbx_num_res 
_struct_site_gen.label_comp_id 
_struct_site_gen.label_asym_id 
_struct_site_gen.label_seq_id 
_struct_site_gen.pdbx_auth_ins_code 
_struct_site_gen.auth_comp_id 
_struct_site_gen.auth_asym_id 
_struct_site_gen.auth_seq_id 
_struct_site_gen.label_atom_id 
_struct_site_gen.label_alt_id 
_struct_site_gen.symmetry 
_struct_site_gen.details 
1 AC1 9 HOH D . ? HOH A 106 . ? 2_655 ? 
2 AC1 9 G   B 8 ? G   B 18  . ? 3_665 ? 
3 AC1 9 G   B 8 ? G   B 18  . ? 2_655 ? 
4 AC1 9 G   B 8 ? G   B 18  . ? 1_555 ? 
5 AC1 9 DC  B 9 ? DC  B 19  . ? 2_655 ? 
6 AC1 9 DC  B 9 ? DC  B 19  . ? 3_665 ? 
7 AC1 9 HOH E . ? HOH B 202 . ? 3_665 ? 
8 AC1 9 HOH E . ? HOH B 202 . ? 1_555 ? 
9 AC1 9 HOH E . ? HOH B 202 . ? 2_655 ? 
# 
loop_
_pdbx_validate_rmsd_bond.id 
_pdbx_validate_rmsd_bond.PDB_model_num 
_pdbx_validate_rmsd_bond.auth_atom_id_1 
_pdbx_validate_rmsd_bond.auth_asym_id_1 
_pdbx_validate_rmsd_bond.auth_comp_id_1 
_pdbx_validate_rmsd_bond.auth_seq_id_1 
_pdbx_validate_rmsd_bond.PDB_ins_code_1 
_pdbx_validate_rmsd_bond.label_alt_id_1 
_pdbx_validate_rmsd_bond.auth_atom_id_2 
_pdbx_validate_rmsd_bond.auth_asym_id_2 
_pdbx_validate_rmsd_bond.auth_comp_id_2 
_pdbx_validate_rmsd_bond.auth_seq_id_2 
_pdbx_validate_rmsd_bond.PDB_ins_code_2 
_pdbx_validate_rmsd_bond.label_alt_id_2 
_pdbx_validate_rmsd_bond.bond_value 
_pdbx_validate_rmsd_bond.bond_target_value 
_pdbx_validate_rmsd_bond.bond_deviation 
_pdbx_validate_rmsd_bond.bond_standard_deviation 
_pdbx_validate_rmsd_bond.linker_flag 
1 1 "O3'" A C 1  ? ? P A G 2  ? ? 1.482 1.607 -0.125 0.012 Y 
2 1 "O3'" B C 11 ? ? P B G 12 ? ? 1.474 1.607 -0.133 0.012 Y 
# 
loop_
_pdbx_struct_special_symmetry.id 
_pdbx_struct_special_symmetry.PDB_model_num 
_pdbx_struct_special_symmetry.auth_asym_id 
_pdbx_struct_special_symmetry.auth_comp_id 
_pdbx_struct_special_symmetry.auth_seq_id 
_pdbx_struct_special_symmetry.PDB_ins_code 
_pdbx_struct_special_symmetry.label_asym_id 
_pdbx_struct_special_symmetry.label_comp_id 
_pdbx_struct_special_symmetry.label_seq_id 
1 1 B SO4 101 ? C SO4 . 
2 1 A HOH 102 ? D HOH . 
3 1 A HOH 107 ? D HOH . 
4 1 B HOH 211 ? E HOH . 
5 1 B HOH 220 ? E HOH . 
# 
_pdbx_distant_solvent_atoms.id                                1 
_pdbx_distant_solvent_atoms.PDB_model_num                     1 
_pdbx_distant_solvent_atoms.auth_atom_id                      O 
_pdbx_distant_solvent_atoms.label_alt_id                      ? 
_pdbx_distant_solvent_atoms.auth_asym_id                      B 
_pdbx_distant_solvent_atoms.auth_comp_id                      HOH 
_pdbx_distant_solvent_atoms.auth_seq_id                       227 
_pdbx_distant_solvent_atoms.PDB_ins_code                      ? 
_pdbx_distant_solvent_atoms.neighbor_macromolecule_distance   6.39 
_pdbx_distant_solvent_atoms.neighbor_ligand_distance          . 
# 
loop_
_chem_comp_atom.comp_id 
_chem_comp_atom.atom_id 
_chem_comp_atom.type_symbol 
_chem_comp_atom.pdbx_aromatic_flag 
_chem_comp_atom.pdbx_stereo_config 
_chem_comp_atom.pdbx_ordinal 
A   OP3    O N N 1   
A   P      P N N 2   
A   OP1    O N N 3   
A   OP2    O N N 4   
A   "O5'"  O N N 5   
A   "C5'"  C N N 6   
A   "C4'"  C N R 7   
A   "O4'"  O N N 8   
A   "C3'"  C N S 9   
A   "O3'"  O N N 10  
A   "C2'"  C N R 11  
A   "O2'"  O N N 12  
A   "C1'"  C N R 13  
A   N9     N Y N 14  
A   C8     C Y N 15  
A   N7     N Y N 16  
A   C5     C Y N 17  
A   C6     C Y N 18  
A   N6     N N N 19  
A   N1     N Y N 20  
A   C2     C Y N 21  
A   N3     N Y N 22  
A   C4     C Y N 23  
A   HOP3   H N N 24  
A   HOP2   H N N 25  
A   "H5'"  H N N 26  
A   "H5''" H N N 27  
A   "H4'"  H N N 28  
A   "H3'"  H N N 29  
A   "HO3'" H N N 30  
A   "H2'"  H N N 31  
A   "HO2'" H N N 32  
A   "H1'"  H N N 33  
A   H8     H N N 34  
A   H61    H N N 35  
A   H62    H N N 36  
A   H2     H N N 37  
C   OP3    O N N 38  
C   P      P N N 39  
C   OP1    O N N 40  
C   OP2    O N N 41  
C   "O5'"  O N N 42  
C   "C5'"  C N N 43  
C   "C4'"  C N R 44  
C   "O4'"  O N N 45  
C   "C3'"  C N S 46  
C   "O3'"  O N N 47  
C   "C2'"  C N R 48  
C   "O2'"  O N N 49  
C   "C1'"  C N R 50  
C   N1     N N N 51  
C   C2     C N N 52  
C   O2     O N N 53  
C   N3     N N N 54  
C   C4     C N N 55  
C   N4     N N N 56  
C   C5     C N N 57  
C   C6     C N N 58  
C   HOP3   H N N 59  
C   HOP2   H N N 60  
C   "H5'"  H N N 61  
C   "H5''" H N N 62  
C   "H4'"  H N N 63  
C   "H3'"  H N N 64  
C   "HO3'" H N N 65  
C   "H2'"  H N N 66  
C   "HO2'" H N N 67  
C   "H1'"  H N N 68  
C   H41    H N N 69  
C   H42    H N N 70  
C   H5     H N N 71  
C   H6     H N N 72  
DC  OP3    O N N 73  
DC  P      P N N 74  
DC  OP1    O N N 75  
DC  OP2    O N N 76  
DC  "O5'"  O N N 77  
DC  "C5'"  C N N 78  
DC  "C4'"  C N R 79  
DC  "O4'"  O N N 80  
DC  "C3'"  C N S 81  
DC  "O3'"  O N N 82  
DC  "C2'"  C N N 83  
DC  "C1'"  C N R 84  
DC  N1     N N N 85  
DC  C2     C N N 86  
DC  O2     O N N 87  
DC  N3     N N N 88  
DC  C4     C N N 89  
DC  N4     N N N 90  
DC  C5     C N N 91  
DC  C6     C N N 92  
DC  HOP3   H N N 93  
DC  HOP2   H N N 94  
DC  "H5'"  H N N 95  
DC  "H5''" H N N 96  
DC  "H4'"  H N N 97  
DC  "H3'"  H N N 98  
DC  "HO3'" H N N 99  
DC  "H2'"  H N N 100 
DC  "H2''" H N N 101 
DC  "H1'"  H N N 102 
DC  H41    H N N 103 
DC  H42    H N N 104 
DC  H5     H N N 105 
DC  H6     H N N 106 
G   OP3    O N N 107 
G   P      P N N 108 
G   OP1    O N N 109 
G   OP2    O N N 110 
G   "O5'"  O N N 111 
G   "C5'"  C N N 112 
G   "C4'"  C N R 113 
G   "O4'"  O N N 114 
G   "C3'"  C N S 115 
G   "O3'"  O N N 116 
G   "C2'"  C N R 117 
G   "O2'"  O N N 118 
G   "C1'"  C N R 119 
G   N9     N Y N 120 
G   C8     C Y N 121 
G   N7     N Y N 122 
G   C5     C Y N 123 
G   C6     C N N 124 
G   O6     O N N 125 
G   N1     N N N 126 
G   C2     C N N 127 
G   N2     N N N 128 
G   N3     N N N 129 
G   C4     C Y N 130 
G   HOP3   H N N 131 
G   HOP2   H N N 132 
G   "H5'"  H N N 133 
G   "H5''" H N N 134 
G   "H4'"  H N N 135 
G   "H3'"  H N N 136 
G   "HO3'" H N N 137 
G   "H2'"  H N N 138 
G   "HO2'" H N N 139 
G   "H1'"  H N N 140 
G   H8     H N N 141 
G   H1     H N N 142 
G   H21    H N N 143 
G   H22    H N N 144 
HOH O      O N N 145 
HOH H1     H N N 146 
HOH H2     H N N 147 
SO4 S      S N N 148 
SO4 O1     O N N 149 
SO4 O2     O N N 150 
SO4 O3     O N N 151 
SO4 O4     O N N 152 
U   OP3    O N N 153 
U   P      P N N 154 
U   OP1    O N N 155 
U   OP2    O N N 156 
U   "O5'"  O N N 157 
U   "C5'"  C N N 158 
U   "C4'"  C N R 159 
U   "O4'"  O N N 160 
U   "C3'"  C N S 161 
U   "O3'"  O N N 162 
U   "C2'"  C N R 163 
U   "O2'"  O N N 164 
U   "C1'"  C N R 165 
U   N1     N N N 166 
U   C2     C N N 167 
U   O2     O N N 168 
U   N3     N N N 169 
U   C4     C N N 170 
U   O4     O N N 171 
U   C5     C N N 172 
U   C6     C N N 173 
U   HOP3   H N N 174 
U   HOP2   H N N 175 
U   "H5'"  H N N 176 
U   "H5''" H N N 177 
U   "H4'"  H N N 178 
U   "H3'"  H N N 179 
U   "HO3'" H N N 180 
U   "H2'"  H N N 181 
U   "HO2'" H N N 182 
U   "H1'"  H N N 183 
U   H3     H N N 184 
U   H5     H N N 185 
U   H6     H N N 186 
# 
loop_
_chem_comp_bond.comp_id 
_chem_comp_bond.atom_id_1 
_chem_comp_bond.atom_id_2 
_chem_comp_bond.value_order 
_chem_comp_bond.pdbx_aromatic_flag 
_chem_comp_bond.pdbx_stereo_config 
_chem_comp_bond.pdbx_ordinal 
A   OP3   P      sing N N 1   
A   OP3   HOP3   sing N N 2   
A   P     OP1    doub N N 3   
A   P     OP2    sing N N 4   
A   P     "O5'"  sing N N 5   
A   OP2   HOP2   sing N N 6   
A   "O5'" "C5'"  sing N N 7   
A   "C5'" "C4'"  sing N N 8   
A   "C5'" "H5'"  sing N N 9   
A   "C5'" "H5''" sing N N 10  
A   "C4'" "O4'"  sing N N 11  
A   "C4'" "C3'"  sing N N 12  
A   "C4'" "H4'"  sing N N 13  
A   "O4'" "C1'"  sing N N 14  
A   "C3'" "O3'"  sing N N 15  
A   "C3'" "C2'"  sing N N 16  
A   "C3'" "H3'"  sing N N 17  
A   "O3'" "HO3'" sing N N 18  
A   "C2'" "O2'"  sing N N 19  
A   "C2'" "C1'"  sing N N 20  
A   "C2'" "H2'"  sing N N 21  
A   "O2'" "HO2'" sing N N 22  
A   "C1'" N9     sing N N 23  
A   "C1'" "H1'"  sing N N 24  
A   N9    C8     sing Y N 25  
A   N9    C4     sing Y N 26  
A   C8    N7     doub Y N 27  
A   C8    H8     sing N N 28  
A   N7    C5     sing Y N 29  
A   C5    C6     sing Y N 30  
A   C5    C4     doub Y N 31  
A   C6    N6     sing N N 32  
A   C6    N1     doub Y N 33  
A   N6    H61    sing N N 34  
A   N6    H62    sing N N 35  
A   N1    C2     sing Y N 36  
A   C2    N3     doub Y N 37  
A   C2    H2     sing N N 38  
A   N3    C4     sing Y N 39  
C   OP3   P      sing N N 40  
C   OP3   HOP3   sing N N 41  
C   P     OP1    doub N N 42  
C   P     OP2    sing N N 43  
C   P     "O5'"  sing N N 44  
C   OP2   HOP2   sing N N 45  
C   "O5'" "C5'"  sing N N 46  
C   "C5'" "C4'"  sing N N 47  
C   "C5'" "H5'"  sing N N 48  
C   "C5'" "H5''" sing N N 49  
C   "C4'" "O4'"  sing N N 50  
C   "C4'" "C3'"  sing N N 51  
C   "C4'" "H4'"  sing N N 52  
C   "O4'" "C1'"  sing N N 53  
C   "C3'" "O3'"  sing N N 54  
C   "C3'" "C2'"  sing N N 55  
C   "C3'" "H3'"  sing N N 56  
C   "O3'" "HO3'" sing N N 57  
C   "C2'" "O2'"  sing N N 58  
C   "C2'" "C1'"  sing N N 59  
C   "C2'" "H2'"  sing N N 60  
C   "O2'" "HO2'" sing N N 61  
C   "C1'" N1     sing N N 62  
C   "C1'" "H1'"  sing N N 63  
C   N1    C2     sing N N 64  
C   N1    C6     sing N N 65  
C   C2    O2     doub N N 66  
C   C2    N3     sing N N 67  
C   N3    C4     doub N N 68  
C   C4    N4     sing N N 69  
C   C4    C5     sing N N 70  
C   N4    H41    sing N N 71  
C   N4    H42    sing N N 72  
C   C5    C6     doub N N 73  
C   C5    H5     sing N N 74  
C   C6    H6     sing N N 75  
DC  OP3   P      sing N N 76  
DC  OP3   HOP3   sing N N 77  
DC  P     OP1    doub N N 78  
DC  P     OP2    sing N N 79  
DC  P     "O5'"  sing N N 80  
DC  OP2   HOP2   sing N N 81  
DC  "O5'" "C5'"  sing N N 82  
DC  "C5'" "C4'"  sing N N 83  
DC  "C5'" "H5'"  sing N N 84  
DC  "C5'" "H5''" sing N N 85  
DC  "C4'" "O4'"  sing N N 86  
DC  "C4'" "C3'"  sing N N 87  
DC  "C4'" "H4'"  sing N N 88  
DC  "O4'" "C1'"  sing N N 89  
DC  "C3'" "O3'"  sing N N 90  
DC  "C3'" "C2'"  sing N N 91  
DC  "C3'" "H3'"  sing N N 92  
DC  "O3'" "HO3'" sing N N 93  
DC  "C2'" "C1'"  sing N N 94  
DC  "C2'" "H2'"  sing N N 95  
DC  "C2'" "H2''" sing N N 96  
DC  "C1'" N1     sing N N 97  
DC  "C1'" "H1'"  sing N N 98  
DC  N1    C2     sing N N 99  
DC  N1    C6     sing N N 100 
DC  C2    O2     doub N N 101 
DC  C2    N3     sing N N 102 
DC  N3    C4     doub N N 103 
DC  C4    N4     sing N N 104 
DC  C4    C5     sing N N 105 
DC  N4    H41    sing N N 106 
DC  N4    H42    sing N N 107 
DC  C5    C6     doub N N 108 
DC  C5    H5     sing N N 109 
DC  C6    H6     sing N N 110 
G   OP3   P      sing N N 111 
G   OP3   HOP3   sing N N 112 
G   P     OP1    doub N N 113 
G   P     OP2    sing N N 114 
G   P     "O5'"  sing N N 115 
G   OP2   HOP2   sing N N 116 
G   "O5'" "C5'"  sing N N 117 
G   "C5'" "C4'"  sing N N 118 
G   "C5'" "H5'"  sing N N 119 
G   "C5'" "H5''" sing N N 120 
G   "C4'" "O4'"  sing N N 121 
G   "C4'" "C3'"  sing N N 122 
G   "C4'" "H4'"  sing N N 123 
G   "O4'" "C1'"  sing N N 124 
G   "C3'" "O3'"  sing N N 125 
G   "C3'" "C2'"  sing N N 126 
G   "C3'" "H3'"  sing N N 127 
G   "O3'" "HO3'" sing N N 128 
G   "C2'" "O2'"  sing N N 129 
G   "C2'" "C1'"  sing N N 130 
G   "C2'" "H2'"  sing N N 131 
G   "O2'" "HO2'" sing N N 132 
G   "C1'" N9     sing N N 133 
G   "C1'" "H1'"  sing N N 134 
G   N9    C8     sing Y N 135 
G   N9    C4     sing Y N 136 
G   C8    N7     doub Y N 137 
G   C8    H8     sing N N 138 
G   N7    C5     sing Y N 139 
G   C5    C6     sing N N 140 
G   C5    C4     doub Y N 141 
G   C6    O6     doub N N 142 
G   C6    N1     sing N N 143 
G   N1    C2     sing N N 144 
G   N1    H1     sing N N 145 
G   C2    N2     sing N N 146 
G   C2    N3     doub N N 147 
G   N2    H21    sing N N 148 
G   N2    H22    sing N N 149 
G   N3    C4     sing N N 150 
HOH O     H1     sing N N 151 
HOH O     H2     sing N N 152 
SO4 S     O1     doub N N 153 
SO4 S     O2     doub N N 154 
SO4 S     O3     sing N N 155 
SO4 S     O4     sing N N 156 
U   OP3   P      sing N N 157 
U   OP3   HOP3   sing N N 158 
U   P     OP1    doub N N 159 
U   P     OP2    sing N N 160 
U   P     "O5'"  sing N N 161 
U   OP2   HOP2   sing N N 162 
U   "O5'" "C5'"  sing N N 163 
U   "C5'" "C4'"  sing N N 164 
U   "C5'" "H5'"  sing N N 165 
U   "C5'" "H5''" sing N N 166 
U   "C4'" "O4'"  sing N N 167 
U   "C4'" "C3'"  sing N N 168 
U   "C4'" "H4'"  sing N N 169 
U   "O4'" "C1'"  sing N N 170 
U   "C3'" "O3'"  sing N N 171 
U   "C3'" "C2'"  sing N N 172 
U   "C3'" "H3'"  sing N N 173 
U   "O3'" "HO3'" sing N N 174 
U   "C2'" "O2'"  sing N N 175 
U   "C2'" "C1'"  sing N N 176 
U   "C2'" "H2'"  sing N N 177 
U   "O2'" "HO2'" sing N N 178 
U   "C1'" N1     sing N N 179 
U   "C1'" "H1'"  sing N N 180 
U   N1    C2     sing N N 181 
U   N1    C6     sing N N 182 
U   C2    O2     doub N N 183 
U   C2    N3     sing N N 184 
U   N3    C4     sing N N 185 
U   N3    H3     sing N N 186 
U   C4    O4     doub N N 187 
U   C4    C5     sing N N 188 
U   C5    C6     doub N N 189 
U   C5    H5     sing N N 190 
U   C6    H6     sing N N 191 
# 
_ndb_struct_conf_na.entry_id   6IBQ 
_ndb_struct_conf_na.feature    'a-form double helix' 
# 
loop_
_ndb_struct_na_base_pair.model_number 
_ndb_struct_na_base_pair.i_label_asym_id 
_ndb_struct_na_base_pair.i_label_comp_id 
_ndb_struct_na_base_pair.i_label_seq_id 
_ndb_struct_na_base_pair.i_symmetry 
_ndb_struct_na_base_pair.j_label_asym_id 
_ndb_struct_na_base_pair.j_label_comp_id 
_ndb_struct_na_base_pair.j_label_seq_id 
_ndb_struct_na_base_pair.j_symmetry 
_ndb_struct_na_base_pair.shear 
_ndb_struct_na_base_pair.stretch 
_ndb_struct_na_base_pair.stagger 
_ndb_struct_na_base_pair.buckle 
_ndb_struct_na_base_pair.propeller 
_ndb_struct_na_base_pair.opening 
_ndb_struct_na_base_pair.pair_number 
_ndb_struct_na_base_pair.pair_name 
_ndb_struct_na_base_pair.i_auth_asym_id 
_ndb_struct_na_base_pair.i_auth_seq_id 
_ndb_struct_na_base_pair.i_PDB_ins_code 
_ndb_struct_na_base_pair.j_auth_asym_id 
_ndb_struct_na_base_pair.j_auth_seq_id 
_ndb_struct_na_base_pair.j_PDB_ins_code 
_ndb_struct_na_base_pair.hbond_type_28 
_ndb_struct_na_base_pair.hbond_type_12 
1 A G  2 1_555 B DC 9 1_555 -0.798 -0.129 0.304  -2.339 -4.400  -9.721 1 A_G2:DC19_B A 2 ? B 19 ? 19 1 
1 A U  3 1_555 B G  8 1_555 2.407  -0.211 -0.440 10.162 -14.672 6.666  2 A_U3:G18_B  A 3 ? B 18 ? 28 1 
1 A G  4 1_555 B C  7 1_555 -0.603 0.179  -0.105 -3.547 -4.151  6.926  3 A_G4:C17_B  A 4 ? B 17 ? 19 1 
1 A A  5 1_555 B U  6 1_555 0.209  -0.113 -0.180 6.627  -8.225  -4.403 4 A_A5:U16_B  A 5 ? B 16 ? 20 1 
1 A U  6 1_555 B A  5 1_555 -0.699 -0.144 0.217  0.394  -4.902  -3.811 5 A_U6:A15_B  A 6 ? B 15 ? 20 1 
1 A C  7 1_555 B G  4 1_555 0.613  -0.206 -0.513 14.648 -11.301 5.266  6 A_C7:G14_B  A 7 ? B 14 ? 19 1 
1 A G  8 1_555 B U  3 1_555 -2.288 -0.173 -0.177 -3.397 -9.686  8.726  7 A_G8:U13_B  A 8 ? B 13 ? 28 1 
1 A DC 9 1_555 B G  2 1_555 0.699  -0.026 -0.124 9.212  -10.036 0.950  8 A_DC9:G12_B A 9 ? B 12 ? 19 1 
# 
loop_
_ndb_struct_na_base_pair_step.model_number 
_ndb_struct_na_base_pair_step.i_label_asym_id_1 
_ndb_struct_na_base_pair_step.i_label_comp_id_1 
_ndb_struct_na_base_pair_step.i_label_seq_id_1 
_ndb_struct_na_base_pair_step.i_symmetry_1 
_ndb_struct_na_base_pair_step.j_label_asym_id_1 
_ndb_struct_na_base_pair_step.j_label_comp_id_1 
_ndb_struct_na_base_pair_step.j_label_seq_id_1 
_ndb_struct_na_base_pair_step.j_symmetry_1 
_ndb_struct_na_base_pair_step.i_label_asym_id_2 
_ndb_struct_na_base_pair_step.i_label_comp_id_2 
_ndb_struct_na_base_pair_step.i_label_seq_id_2 
_ndb_struct_na_base_pair_step.i_symmetry_2 
_ndb_struct_na_base_pair_step.j_label_asym_id_2 
_ndb_struct_na_base_pair_step.j_label_comp_id_2 
_ndb_struct_na_base_pair_step.j_label_seq_id_2 
_ndb_struct_na_base_pair_step.j_symmetry_2 
_ndb_struct_na_base_pair_step.shift 
_ndb_struct_na_base_pair_step.slide 
_ndb_struct_na_base_pair_step.rise 
_ndb_struct_na_base_pair_step.tilt 
_ndb_struct_na_base_pair_step.roll 
_ndb_struct_na_base_pair_step.twist 
_ndb_struct_na_base_pair_step.x_displacement 
_ndb_struct_na_base_pair_step.y_displacement 
_ndb_struct_na_base_pair_step.helical_rise 
_ndb_struct_na_base_pair_step.inclination 
_ndb_struct_na_base_pair_step.tip 
_ndb_struct_na_base_pair_step.helical_twist 
_ndb_struct_na_base_pair_step.step_number 
_ndb_struct_na_base_pair_step.step_name 
_ndb_struct_na_base_pair_step.i_auth_asym_id_1 
_ndb_struct_na_base_pair_step.i_auth_seq_id_1 
_ndb_struct_na_base_pair_step.i_PDB_ins_code_1 
_ndb_struct_na_base_pair_step.j_auth_asym_id_1 
_ndb_struct_na_base_pair_step.j_auth_seq_id_1 
_ndb_struct_na_base_pair_step.j_PDB_ins_code_1 
_ndb_struct_na_base_pair_step.i_auth_asym_id_2 
_ndb_struct_na_base_pair_step.i_auth_seq_id_2 
_ndb_struct_na_base_pair_step.i_PDB_ins_code_2 
_ndb_struct_na_base_pair_step.j_auth_asym_id_2 
_ndb_struct_na_base_pair_step.j_auth_seq_id_2 
_ndb_struct_na_base_pair_step.j_PDB_ins_code_2 
1 A G 2 1_555 B DC 9 1_555 A U  3 1_555 B G 8 1_555 0.598  -1.272 3.113 7.670  4.083  46.086 -1.921 -0.148 3.052 5.162  -9.696  
46.854 1 AA_G2U3:G18DC19_BB A 2 ? B 19 ? A 3 ? B 18 ? 
1 A U 3 1_555 B G  8 1_555 A G  4 1_555 B C 7 1_555 0.570  -2.043 3.513 -0.528 9.180  21.377 -8.063 -1.586 2.423 23.403 1.346   
23.250 2 AA_U3G4:C17G18_BB  A 3 ? B 18 ? A 4 ? B 17 ? 
1 A G 4 1_555 B C  7 1_555 A A  5 1_555 B U 6 1_555 -0.544 -1.847 3.010 1.493  5.257  30.155 -4.396 1.286  2.628 10.001 -2.840  
30.635 3 AA_G4A5:U16C17_BB  A 4 ? B 17 ? A 5 ? B 16 ? 
1 A A 5 1_555 B U  6 1_555 A U  6 1_555 B A 5 1_555 0.004  -2.214 3.454 -5.230 4.370  29.400 -5.152 -1.082 3.054 8.469  10.135  
30.162 4 AA_A5U6:A15U16_BB  A 5 ? B 16 ? A 6 ? B 15 ? 
1 A U 6 1_555 B A  5 1_555 A C  7 1_555 B G 4 1_555 -0.030 -1.337 3.024 6.109  3.651  34.044 -2.742 0.894  2.822 6.153  -10.295 
34.758 5 AA_U6C7:G14A15_BB  A 6 ? B 15 ? A 7 ? B 14 ? 
1 A C 7 1_555 B G  4 1_555 A G  8 1_555 B U 3 1_555 0.956  -1.908 3.653 -3.447 13.121 19.997 -8.451 -3.307 1.872 33.284 8.745   
24.126 6 AA_C7G8:U13G14_BB  A 7 ? B 14 ? A 8 ? B 13 ? 
1 A G 8 1_555 B U  3 1_555 A DC 9 1_555 B G 2 1_555 -0.103 -1.576 3.090 1.290  1.186  44.709 -2.172 0.246  3.045 1.558  -1.696  
44.742 7 AA_G8DC9:G12U13_BB A 8 ? B 13 ? A 9 ? B 12 ? 
# 
loop_
_pdbx_audit_support.funding_organization 
_pdbx_audit_support.country 
_pdbx_audit_support.grant_number 
_pdbx_audit_support.ordinal 
'French National Research Agency' France ANR-11-LABX-0057_MITOCROSS 1 
'French National Research Agency' France ANR-10-LABX-0036_NETRNA    2 
?                                 France ?                          3 
# 
_pdbx_initial_refinement_model.id               1 
_pdbx_initial_refinement_model.entity_id_list   ? 
_pdbx_initial_refinement_model.type             'experimental model' 
_pdbx_initial_refinement_model.source_name      PDB 
_pdbx_initial_refinement_model.accession_code   485D 
_pdbx_initial_refinement_model.details          ? 
# 
_atom_sites.entry_id                    6IBQ 
_atom_sites.fract_transf_matrix[1][1]   0.00231581 
_atom_sites.fract_transf_matrix[1][2]   0.01668528 
_atom_sites.fract_transf_matrix[1][3]   -0.02344310 
_atom_sites.fract_transf_matrix[2][1]   -0.01499897 
_atom_sites.fract_transf_matrix[2][2]   0.02460385 
_atom_sites.fract_transf_matrix[2][3]   -0.00174437 
_atom_sites.fract_transf_matrix[3][1]   0.01098103 
_atom_sites.fract_transf_matrix[3][2]   0.00713098 
_atom_sites.fract_transf_matrix[3][3]   0.00616012 
_atom_sites.fract_transf_vector[1]      1.006799 
_atom_sites.fract_transf_vector[2]      0.408079 
_atom_sites.fract_transf_vector[3]      -0.046934 
# 
loop_
_atom_type.symbol 
C 
N 
O 
P 
S 
# 
loop_
_atom_site.group_PDB 
_atom_site.id 
_atom_site.type_symbol 
_atom_site.label_atom_id 
_atom_site.label_alt_id 
_atom_site.label_comp_id 
_atom_site.label_asym_id 
_atom_site.label_entity_id 
_atom_site.label_seq_id 
_atom_site.pdbx_PDB_ins_code 
_atom_site.Cartn_x 
_atom_site.Cartn_y 
_atom_site.Cartn_z 
_atom_site.occupancy 
_atom_site.B_iso_or_equiv 
_atom_site.pdbx_formal_charge 
_atom_site.auth_seq_id 
_atom_site.auth_comp_id 
_atom_site.auth_asym_id 
_atom_site.auth_atom_id 
_atom_site.pdbx_PDB_model_num 
ATOM   1   O "O3'" . C   A 1 1 ? 9.497   -5.519  1.045   1.00 33.24 ? 1   C   A "O3'" 1 
ATOM   2   P P     . G   A 1 2 ? 10.586  -4.709  1.641   1.00 26.48 ? 2   G   A P     1 
ATOM   3   O OP1   . G   A 1 2 ? 10.161  -3.285  1.617   1.00 20.69 ? 2   G   A OP1   1 
ATOM   4   O OP2   . G   A 1 2 ? 11.838  -5.062  0.943   1.00 23.71 ? 2   G   A OP2   1 
ATOM   5   O "O5'" . G   A 1 2 ? 10.729  -5.155  3.166   1.00 22.88 ? 2   G   A "O5'" 1 
ATOM   6   C "C5'" . G   A 1 2 ? 11.500  -6.290  3.544   1.00 22.47 ? 2   G   A "C5'" 1 
ATOM   7   C "C4'" . G   A 1 2 ? 11.691  -6.358  5.041   1.00 20.58 ? 2   G   A "C4'" 1 
ATOM   8   O "O4'" . G   A 1 2 ? 12.280  -5.121  5.500   1.00 17.17 ? 2   G   A "O4'" 1 
ATOM   9   C "C3'" . G   A 1 2 ? 10.415  -6.504  5.861   1.00 19.47 ? 2   G   A "C3'" 1 
ATOM   10  O "O3'" . G   A 1 2 ? 10.032  -7.850  6.026   1.00 15.30 ? 2   G   A "O3'" 1 
ATOM   11  C "C2'" . G   A 1 2 ? 10.766  -5.835  7.179   1.00 18.80 ? 2   G   A "C2'" 1 
ATOM   12  O "O2'" . G   A 1 2 ? 11.487  -6.728  8.012   1.00 17.64 ? 2   G   A "O2'" 1 
ATOM   13  C "C1'" . G   A 1 2 ? 11.706  -4.726  6.722   1.00 14.36 ? 2   G   A "C1'" 1 
ATOM   14  N N9    . G   A 1 2 ? 11.026  -3.441  6.501   1.00 12.68 ? 2   G   A N9    1 
ATOM   15  C C8    . G   A 1 2 ? 11.129  -2.688  5.361   1.00 14.89 ? 2   G   A C8    1 
ATOM   16  N N7    . G   A 1 2 ? 10.464  -1.574  5.411   1.00 16.59 ? 2   G   A N7    1 
ATOM   17  C C5    . G   A 1 2 ? 9.892   -1.592  6.668   1.00 15.00 ? 2   G   A C5    1 
ATOM   18  C C6    . G   A 1 2 ? 9.054   -0.638  7.286   1.00 16.90 ? 2   G   A C6    1 
ATOM   19  O O6    . G   A 1 2 ? 8.657   0.435   6.817   1.00 18.90 ? 2   G   A O6    1 
ATOM   20  N N1    . G   A 1 2 ? 8.683   -1.037  8.567   1.00 15.85 ? 2   G   A N1    1 
ATOM   21  C C2    . G   A 1 2 ? 9.077   -2.205  9.173   1.00 14.82 ? 2   G   A C2    1 
ATOM   22  N N2    . G   A 1 2 ? 8.624   -2.423  10.412  1.00 14.58 ? 2   G   A N2    1 
ATOM   23  N N3    . G   A 1 2 ? 9.863   -3.098  8.605   1.00 15.20 ? 2   G   A N3    1 
ATOM   24  C C4    . G   A 1 2 ? 10.232  -2.731  7.361   1.00 14.06 ? 2   G   A C4    1 
ATOM   25  P P     . U   A 1 3 ? 8.534   -8.300  5.703   1.00 21.27 ? 3   U   A P     1 
ATOM   26  O OP1   . U   A 1 3 ? 8.417   -9.727  6.099   1.00 25.63 ? 3   U   A OP1   1 
ATOM   27  O OP2   . U   A 1 3 ? 8.230   -7.853  4.319   1.00 24.07 ? 3   U   A OP2   1 
ATOM   28  O "O5'" . U   A 1 3 ? 7.634   -7.438  6.689   1.00 18.63 ? 3   U   A "O5'" 1 
ATOM   29  C "C5'" . U   A 1 3 ? 7.220   -7.950  7.944   1.00 18.22 ? 3   U   A "C5'" 1 
ATOM   30  C "C4'" . U   A 1 3 ? 6.407   -6.928  8.696   1.00 16.71 ? 3   U   A "C4'" 1 
ATOM   31  O "O4'" . U   A 1 3 ? 7.105   -5.658  8.673   1.00 14.14 ? 3   U   A "O4'" 1 
ATOM   32  C "C3'" . U   A 1 3 ? 5.037   -6.601  8.118   1.00 14.93 ? 3   U   A "C3'" 1 
ATOM   33  O "O3'" . U   A 1 3 ? 4.040   -7.545  8.467   1.00 18.03 ? 3   U   A "O3'" 1 
ATOM   34  C "C2'" . U   A 1 3 ? 4.773   -5.205  8.662   1.00 16.19 ? 3   U   A "C2'" 1 
ATOM   35  O "O2'" . U   A 1 3 ? 4.353   -5.268  10.016  1.00 16.52 ? 3   U   A "O2'" 1 
ATOM   36  C "C1'" . U   A 1 3 ? 6.177   -4.597  8.615   1.00 14.99 ? 3   U   A "C1'" 1 
ATOM   37  N N1    . U   A 1 3 ? 6.408   -3.820  7.376   1.00 15.47 ? 3   U   A N1    1 
ATOM   38  C C2    . U   A 1 3 ? 6.091   -2.483  7.435   1.00 16.73 ? 3   U   A C2    1 
ATOM   39  O O2    . U   A 1 3 ? 5.657   -1.963  8.445   1.00 18.82 ? 3   U   A O2    1 
ATOM   40  N N3    . U   A 1 3 ? 6.306   -1.778  6.284   1.00 15.41 ? 3   U   A N3    1 
ATOM   41  C C4    . U   A 1 3 ? 6.792   -2.271  5.100   1.00 14.31 ? 3   U   A C4    1 
ATOM   42  O O4    . U   A 1 3 ? 6.927   -1.504  4.151   1.00 16.52 ? 3   U   A O4    1 
ATOM   43  C C5    . U   A 1 3 ? 7.093   -3.666  5.115   1.00 14.58 ? 3   U   A C5    1 
ATOM   44  C C6    . U   A 1 3 ? 6.898   -4.379  6.224   1.00 14.34 ? 3   U   A C6    1 
ATOM   45  P P     . G   A 1 4 ? 2.821   -7.825  7.461   1.00 17.44 ? 4   G   A P     1 
ATOM   46  O OP1   . G   A 1 4 ? 2.208   -9.109  7.870   1.00 13.76 ? 4   G   A OP1   1 
ATOM   47  O OP2   . G   A 1 4 ? 3.322   -7.625  6.081   1.00 19.34 ? 4   G   A OP2   1 
ATOM   48  O "O5'" . G   A 1 4 ? 1.798   -6.635  7.731   1.00 17.78 ? 4   G   A "O5'" 1 
ATOM   49  C "C5'" . G   A 1 4 ? 1.137   -6.516  8.980   1.00 15.24 ? 4   G   A "C5'" 1 
ATOM   50  C "C4'" . G   A 1 4 ? 0.591   -5.127  9.215   1.00 15.79 ? 4   G   A "C4'" 1 
ATOM   51  O "O4'" . G   A 1 4 ? 1.643   -4.124  9.128   1.00 15.54 ? 4   G   A "O4'" 1 
ATOM   52  C "C3'" . G   A 1 4 ? -0.463  -4.628  8.246   1.00 16.06 ? 4   G   A "C3'" 1 
ATOM   53  O "O3'" . G   A 1 4 ? -1.739  -5.201  8.469   1.00 17.35 ? 4   G   A "O3'" 1 
ATOM   54  C "C2'" . G   A 1 4 ? -0.410  -3.120  8.473   1.00 13.76 ? 4   G   A "C2'" 1 
ATOM   55  O "O2'" . G   A 1 4 ? -1.071  -2.777  9.678   1.00 11.45 ? 4   G   A "O2'" 1 
ATOM   56  C "C1'" . G   A 1 4 ? 1.093   -2.902  8.673   1.00 14.81 ? 4   G   A "C1'" 1 
ATOM   57  N N9    . G   A 1 4 ? 1.759   -2.511  7.413   1.00 15.68 ? 4   G   A N9    1 
ATOM   58  C C8    . G   A 1 4 ? 2.577   -3.268  6.606   1.00 16.24 ? 4   G   A C8    1 
ATOM   59  N N7    . G   A 1 4 ? 2.999   -2.639  5.542   1.00 16.18 ? 4   G   A N7    1 
ATOM   60  C C5    . G   A 1 4 ? 2.418   -1.388  5.654   1.00 16.12 ? 4   G   A C5    1 
ATOM   61  C C6    . G   A 1 4 ? 2.509   -0.270  4.798   1.00 14.99 ? 4   G   A C6    1 
ATOM   62  O O6    . G   A 1 4 ? 3.139   -0.166  3.740   1.00 16.89 ? 4   G   A O6    1 
ATOM   63  N N1    . G   A 1 4 ? 1.760   0.791   5.289   1.00 15.52 ? 4   G   A N1    1 
ATOM   64  C C2    . G   A 1 4 ? 1.027   0.784   6.448   1.00 15.18 ? 4   G   A C2    1 
ATOM   65  N N2    . G   A 1 4 ? 0.375   1.911   6.751   1.00 16.43 ? 4   G   A N2    1 
ATOM   66  N N3    . G   A 1 4 ? 0.934   -0.252  7.251   1.00 15.22 ? 4   G   A N3    1 
ATOM   67  C C4    . G   A 1 4 ? 1.650   -1.294  6.794   1.00 14.92 ? 4   G   A C4    1 
ATOM   68  P P     . A   A 1 5 ? -2.714  -5.536  7.230   1.00 16.36 ? 5   A   A P     1 
ATOM   69  O OP1   . A   A 1 5 ? -3.849  -6.298  7.792   1.00 14.76 ? 5   A   A OP1   1 
ATOM   70  O OP2   . A   A 1 5 ? -1.934  -6.079  6.096   1.00 14.70 ? 5   A   A OP2   1 
ATOM   71  O "O5'" . A   A 1 5 ? -3.252  -4.117  6.754   1.00 14.67 ? 5   A   A "O5'" 1 
ATOM   72  C "C5'" . A   A 1 5 ? -4.287  -3.472  7.472   1.00 15.55 ? 5   A   A "C5'" 1 
ATOM   73  C "C4'" . A   A 1 5 ? -4.373  -2.001  7.160   1.00 16.31 ? 5   A   A "C4'" 1 
ATOM   74  O "O4'" . A   A 1 5 ? -3.051  -1.408  7.086   1.00 17.37 ? 5   A   A "O4'" 1 
ATOM   75  C "C3'" . A   A 1 5 ? -4.994  -1.612  5.834   1.00 16.06 ? 5   A   A "C3'" 1 
ATOM   76  O "O3'" . A   A 1 5 ? -6.402  -1.739  5.820   1.00 17.16 ? 5   A   A "O3'" 1 
ATOM   77  C "C2'" . A   A 1 5 ? -4.508  -0.181  5.673   1.00 16.72 ? 5   A   A "C2'" 1 
ATOM   78  O "O2'" . A   A 1 5 ? -5.230  0.675   6.540   1.00 18.68 ? 5   A   A "O2'" 1 
ATOM   79  C "C1'" . A   A 1 5 ? -3.083  -0.298  6.211   1.00 15.71 ? 5   A   A "C1'" 1 
ATOM   80  N N9    . A   A 1 5 ? -2.110  -0.490  5.123   1.00 15.82 ? 5   A   A N9    1 
ATOM   81  C C8    . A   A 1 5 ? -1.431  -1.619  4.738   1.00 15.82 ? 5   A   A C8    1 
ATOM   82  N N7    . A   A 1 5 ? -0.635  -1.430  3.713   1.00 14.81 ? 5   A   A N7    1 
ATOM   83  C C5    . A   A 1 5 ? -0.803  -0.085  3.403   1.00 16.24 ? 5   A   A C5    1 
ATOM   84  C C6    . A   A 1 5 ? -0.243  0.753   2.418   1.00 16.63 ? 5   A   A C6    1 
ATOM   85  N N6    . A   A 1 5 ? 0.646   0.343   1.514   1.00 19.44 ? 5   A   A N6    1 
ATOM   86  N N1    . A   A 1 5 ? -0.633  2.047   2.387   1.00 16.17 ? 5   A   A N1    1 
ATOM   87  C C2    . A   A 1 5 ? -1.525  2.461   3.292   1.00 14.65 ? 5   A   A C2    1 
ATOM   88  N N3    . A   A 1 5 ? -2.118  1.779   4.267   1.00 14.13 ? 5   A   A N3    1 
ATOM   89  C C4    . A   A 1 5 ? -1.710  0.500   4.265   1.00 15.18 ? 5   A   A C4    1 
ATOM   90  P P     . U   A 1 6 ? -7.151  -2.095  4.448   1.00 20.40 ? 6   U   A P     1 
ATOM   91  O OP1   . U   A 1 6 ? -8.508  -2.606  4.779   1.00 22.74 ? 6   U   A OP1   1 
ATOM   92  O OP2   . U   A 1 6 ? -6.220  -2.913  3.628   1.00 19.26 ? 6   U   A OP2   1 
ATOM   93  O "O5'" . U   A 1 6 ? -7.308  -0.686  3.725   1.00 20.01 ? 6   U   A "O5'" 1 
ATOM   94  C "C5'" . U   A 1 6 ? -7.821  0.433   4.427   1.00 18.36 ? 6   U   A "C5'" 1 
ATOM   95  C "C4'" . U   A 1 6 ? -7.567  1.707   3.674   1.00 16.07 ? 6   U   A "C4'" 1 
ATOM   96  O "O4'" . U   A 1 6 ? -6.143  1.958   3.591   1.00 15.65 ? 6   U   A "O4'" 1 
ATOM   97  C "C3'" . U   A 1 6 ? -8.014  1.719   2.225   1.00 18.56 ? 6   U   A "C3'" 1 
ATOM   98  O "O3'" . U   A 1 6 ? -9.397  1.942   2.077   1.00 17.10 ? 6   U   A "O3'" 1 
ATOM   99  C "C2'" . U   A 1 6 ? -7.163  2.826   1.630   1.00 18.27 ? 6   U   A "C2'" 1 
ATOM   100 O "O2'" . U   A 1 6 ? -7.694  4.093   1.983   1.00 19.08 ? 6   U   A "O2'" 1 
ATOM   101 C "C1'" . U   A 1 6 ? -5.848  2.631   2.383   1.00 14.93 ? 6   U   A "C1'" 1 
ATOM   102 N N1    . U   A 1 6 ? -4.856  1.843   1.616   1.00 12.56 ? 6   U   A N1    1 
ATOM   103 C C2    . U   A 1 6 ? -4.277  2.409   0.494   1.00 13.56 ? 6   U   A C2    1 
ATOM   104 O O2    . U   A 1 6 ? -4.552  3.518   0.071   1.00 15.20 ? 6   U   A O2    1 
ATOM   105 N N3    . U   A 1 6 ? -3.359  1.618   -0.144  1.00 13.92 ? 6   U   A N3    1 
ATOM   106 C C4    . U   A 1 6 ? -2.960  0.352   0.220   1.00 16.25 ? 6   U   A C4    1 
ATOM   107 O O4    . U   A 1 6 ? -2.119  -0.239  -0.456  1.00 19.91 ? 6   U   A O4    1 
ATOM   108 C C5    . U   A 1 6 ? -3.594  -0.158  1.391   1.00 14.15 ? 6   U   A C5    1 
ATOM   109 C C6    . U   A 1 6 ? -4.494  0.590   2.032   1.00 13.94 ? 6   U   A C6    1 
ATOM   110 P P     . C   A 1 7 ? -10.181 1.258   0.861   1.00 22.99 ? 7   C   A P     1 
ATOM   111 O OP1   . C   A 1 7 ? -11.626 1.574   1.017   1.00 25.36 ? 7   C   A OP1   1 
ATOM   112 O OP2   . C   A 1 7 ? -9.722  -0.147  0.754   1.00 24.90 ? 7   C   A OP2   1 
ATOM   113 O "O5'" . C   A 1 7 ? -9.649  2.028   -0.420  1.00 20.24 ? 7   C   A "O5'" 1 
ATOM   114 C "C5'" . C   A 1 7 ? -10.150 3.309   -0.755  1.00 19.71 ? 7   C   A "C5'" 1 
ATOM   115 C "C4'" . C   A 1 7 ? -9.504  3.827   -2.014  1.00 19.31 ? 7   C   A "C4'" 1 
ATOM   116 O "O4'" . C   A 1 7 ? -8.064  3.850   -1.834  1.00 17.01 ? 7   C   A "O4'" 1 
ATOM   117 C "C3'" . C   A 1 7 ? -9.701  2.982   -3.259  1.00 18.36 ? 7   C   A "C3'" 1 
ATOM   118 O "O3'" . C   A 1 7 ? -10.959 3.158   -3.878  1.00 19.15 ? 7   C   A "O3'" 1 
ATOM   119 C "C2'" . C   A 1 7 ? -8.516  3.403   -4.121  1.00 19.47 ? 7   C   A "C2'" 1 
ATOM   120 O "O2'" . C   A 1 7 ? -8.753  4.674   -4.712  1.00 19.83 ? 7   C   A "O2'" 1 
ATOM   121 C "C1'" . C   A 1 7 ? -7.428  3.557   -3.062  1.00 17.08 ? 7   C   A "C1'" 1 
ATOM   122 N N1    . C   A 1 7 ? -6.627  2.319   -2.908  1.00 17.34 ? 7   C   A N1    1 
ATOM   123 C C2    . C   A 1 7 ? -5.469  2.219   -3.677  1.00 16.85 ? 7   C   A C2    1 
ATOM   124 O O2    . C   A 1 7 ? -5.171  3.161   -4.422  1.00 17.14 ? 7   C   A O2    1 
ATOM   125 N N3    . C   A 1 7 ? -4.708  1.110   -3.581  1.00 16.02 ? 7   C   A N3    1 
ATOM   126 C C4    . C   A 1 7 ? -5.065  0.121   -2.769  1.00 14.61 ? 7   C   A C4    1 
ATOM   127 N N4    . C   A 1 7 ? -4.268  -0.947  -2.725  1.00 15.06 ? 7   C   A N4    1 
ATOM   128 C C5    . C   A 1 7 ? -6.247  0.190   -1.977  1.00 14.85 ? 7   C   A C5    1 
ATOM   129 C C6    . C   A 1 7 ? -6.990  1.296   -2.078  1.00 14.50 ? 7   C   A C6    1 
ATOM   130 P P     . G   A 1 8 ? -11.599 1.949   -4.720  1.00 19.65 ? 8   G   A P     1 
ATOM   131 O OP1   . G   A 1 8 ? -12.954 2.366   -5.137  1.00 17.04 ? 8   G   A OP1   1 
ATOM   132 O OP2   . G   A 1 8 ? -11.417 0.700   -3.949  1.00 19.30 ? 8   G   A OP2   1 
ATOM   133 O "O5'" . G   A 1 8 ? -10.682 1.848   -6.019  1.00 19.17 ? 8   G   A "O5'" 1 
ATOM   134 C "C5'" . G   A 1 8 ? -10.893 2.729   -7.108  1.00 18.54 ? 8   G   A "C5'" 1 
ATOM   135 C "C4'" . G   A 1 8 ? -9.716  2.799   -8.055  1.00 20.29 ? 8   G   A "C4'" 1 
ATOM   136 O "O4'" . G   A 1 8 ? -8.453  2.824   -7.337  1.00 18.65 ? 8   G   A "O4'" 1 
ATOM   137 C "C3'" . G   A 1 8 ? -9.543  1.650   -9.033  1.00 19.25 ? 8   G   A "C3'" 1 
ATOM   138 O "O3'" . G   A 1 8 ? -10.469 1.672   -10.107 1.00 19.98 ? 8   G   A "O3'" 1 
ATOM   139 C "C2'" . G   A 1 8 ? -8.094  1.827   -9.463  1.00 17.07 ? 8   G   A "C2'" 1 
ATOM   140 O "O2'" . G   A 1 8 ? -7.962  2.908   -10.371 1.00 15.84 ? 8   G   A "O2'" 1 
ATOM   141 C "C1'" . G   A 1 8 ? -7.446  2.230   -8.134  1.00 16.90 ? 8   G   A "C1'" 1 
ATOM   142 N N9    . G   A 1 8 ? -6.919  1.046   -7.437  1.00 16.81 ? 8   G   A N9    1 
ATOM   143 C C8    . G   A 1 8 ? -7.336  0.485   -6.258  1.00 16.97 ? 8   G   A C8    1 
ATOM   144 N N7    . G   A 1 8 ? -6.661  -0.586  -5.934  1.00 18.08 ? 8   G   A N7    1 
ATOM   145 C C5    . G   A 1 8 ? -5.753  -0.741  -6.971  1.00 16.27 ? 8   G   A C5    1 
ATOM   146 C C6    . G   A 1 8 ? -4.757  -1.720  -7.188  1.00 15.48 ? 8   G   A C6    1 
ATOM   147 O O6    . G   A 1 8 ? -4.464  -2.689  -6.480  1.00 18.29 ? 8   G   A O6    1 
ATOM   148 N N1    . G   A 1 8 ? -4.063  -1.490  -8.371  1.00 17.40 ? 8   G   A N1    1 
ATOM   149 C C2    . G   A 1 8 ? -4.296  -0.455  -9.244  1.00 16.27 ? 8   G   A C2    1 
ATOM   150 N N2    . G   A 1 8 ? -3.524  -0.398  -10.340 1.00 14.94 ? 8   G   A N2    1 
ATOM   151 N N3    . G   A 1 8 ? -5.222  0.461   -9.053  1.00 16.56 ? 8   G   A N3    1 
ATOM   152 C C4    . G   A 1 8 ? -5.906  0.254   -7.909  1.00 16.62 ? 8   G   A C4    1 
ATOM   153 P P     . DC  A 1 9 ? -11.237 0.325   -10.547 1.00 21.69 ? 9   DC  A P     1 
ATOM   154 O OP1   . DC  A 1 9 ? -12.308 0.733   -11.485 1.00 20.60 ? 9   DC  A OP1   1 
ATOM   155 O OP2   . DC  A 1 9 ? -11.563 -0.459  -9.337  1.00 19.99 ? 9   DC  A OP2   1 
ATOM   156 O "O5'" . DC  A 1 9 ? -10.145 -0.495  -11.369 1.00 19.21 ? 9   DC  A "O5'" 1 
ATOM   157 C "C5'" . DC  A 1 9 ? -9.729  -0.011  -12.627 1.00 18.45 ? 9   DC  A "C5'" 1 
ATOM   158 C "C4'" . DC  A 1 9 ? -8.465  -0.705  -13.096 1.00 20.74 ? 9   DC  A "C4'" 1 
ATOM   159 O "O4'" . DC  A 1 9 ? -7.478  -0.716  -12.035 1.00 18.52 ? 9   DC  A "O4'" 1 
ATOM   160 C "C3'" . DC  A 1 9 ? -8.628  -2.159  -13.471 1.00 19.98 ? 9   DC  A "C3'" 1 
ATOM   161 O "O3'" . DC  A 1 9 ? -9.135  -2.269  -14.798 1.00 20.47 ? 9   DC  A "O3'" 1 
ATOM   162 C "C2'" . DC  A 1 9 ? -7.188  -2.650  -13.372 1.00 20.51 ? 9   DC  A "C2'" 1 
ATOM   163 C "C1'" . DC  A 1 9 ? -6.673  -1.879  -12.155 1.00 18.35 ? 9   DC  A "C1'" 1 
ATOM   164 N N1    . DC  A 1 9 ? -6.766  -2.657  -10.888 1.00 18.32 ? 9   DC  A N1    1 
ATOM   165 C C2    . DC  A 1 9 ? -5.786  -3.597  -10.587 1.00 15.20 ? 9   DC  A C2    1 
ATOM   166 O O2    . DC  A 1 9 ? -4.857  -3.769  -11.380 1.00 15.15 ? 9   DC  A O2    1 
ATOM   167 N N3    . DC  A 1 9 ? -5.882  -4.298  -9.432  1.00 16.75 ? 9   DC  A N3    1 
ATOM   168 C C4    . DC  A 1 9 ? -6.903  -4.085  -8.608  1.00 16.73 ? 9   DC  A C4    1 
ATOM   169 N N4    . DC  A 1 9 ? -6.959  -4.805  -7.483  1.00 17.64 ? 9   DC  A N4    1 
ATOM   170 C C5    . DC  A 1 9 ? -7.914  -3.129  -8.898  1.00 18.13 ? 9   DC  A C5    1 
ATOM   171 C C6    . DC  A 1 9 ? -7.806  -2.442  -10.036 1.00 18.17 ? 9   DC  A C6    1 
ATOM   172 O "O3'" . C   B 1 1 ? 1.634   -12.300 -4.683  1.00 32.17 ? 11  C   B "O3'" 1 
ATOM   173 P P     . G   B 1 2 ? 1.705   -10.865 -5.016  1.00 30.31 ? 12  G   B P     1 
ATOM   174 O OP1   . G   B 1 2 ? 3.103   -10.406 -4.805  1.00 24.91 ? 12  G   B OP1   1 
ATOM   175 O OP2   . G   B 1 2 ? 0.595   -10.206 -4.288  1.00 24.29 ? 12  G   B OP2   1 
ATOM   176 O "O5'" . G   B 1 2 ? 1.375   -10.713 -6.564  1.00 20.08 ? 12  G   B "O5'" 1 
ATOM   177 C "C5'" . G   B 1 2 ? 2.057   -11.473 -7.550  1.00 18.94 ? 12  G   B "C5'" 1 
ATOM   178 C "C4'" . G   B 1 2 ? 1.671   -11.033 -8.936  1.00 19.71 ? 12  G   B "C4'" 1 
ATOM   179 O "O4'" . G   B 1 2 ? 0.265   -11.317 -9.151  1.00 21.53 ? 12  G   B "O4'" 1 
ATOM   180 C "C3'" . G   B 1 2 ? 1.791   -9.536  -9.210  1.00 19.11 ? 12  G   B "C3'" 1 
ATOM   181 O "O3'" . G   B 1 2 ? 3.101   -9.142  -9.574  1.00 18.88 ? 12  G   B "O3'" 1 
ATOM   182 C "C2'" . G   B 1 2 ? 0.762   -9.305  -10.302 1.00 17.66 ? 12  G   B "C2'" 1 
ATOM   183 O "O2'" . G   B 1 2 ? 1.263   -9.713  -11.564 1.00 17.15 ? 12  G   B "O2'" 1 
ATOM   184 C "C1'" . G   B 1 2 ? -0.339  -10.275 -9.885  1.00 18.57 ? 12  G   B "C1'" 1 
ATOM   185 N N9    . G   B 1 2 ? -1.332  -9.623  -9.018  1.00 16.47 ? 12  G   B N9    1 
ATOM   186 C C8    . G   B 1 2 ? -1.685  -9.981  -7.744  1.00 18.80 ? 12  G   B C8    1 
ATOM   187 N N7    . G   B 1 2 ? -2.597  -9.206  -7.227  1.00 20.72 ? 12  G   B N7    1 
ATOM   188 C C5    . G   B 1 2 ? -2.855  -8.282  -8.226  1.00 17.91 ? 12  G   B C5    1 
ATOM   189 C C6    . G   B 1 2 ? -3.752  -7.191  -8.251  1.00 18.49 ? 12  G   B C6    1 
ATOM   190 O O6    . G   B 1 2 ? -4.524  -6.811  -7.367  1.00 21.82 ? 12  G   B O6    1 
ATOM   191 N N1    . G   B 1 2 ? -3.689  -6.515  -9.459  1.00 18.21 ? 12  G   B N1    1 
ATOM   192 C C2    . G   B 1 2 ? -2.872  -6.844  -10.507 1.00 15.57 ? 12  G   B C2    1 
ATOM   193 N N2    . G   B 1 2 ? -2.957  -6.068  -11.591 1.00 15.12 ? 12  G   B N2    1 
ATOM   194 N N3    . G   B 1 2 ? -2.030  -7.854  -10.499 1.00 16.22 ? 12  G   B N3    1 
ATOM   195 C C4    . G   B 1 2 ? -2.080  -8.525  -9.335  1.00 16.07 ? 12  G   B C4    1 
ATOM   196 P P     . U   B 1 3 ? 3.723   -7.788  -8.977  1.00 20.33 ? 13  U   B P     1 
ATOM   197 O OP1   . U   B 1 3 ? 5.127   -7.659  -9.439  1.00 22.49 ? 13  U   B OP1   1 
ATOM   198 O OP2   . U   B 1 3 ? 3.402   -7.750  -7.527  1.00 19.56 ? 13  U   B OP2   1 
ATOM   199 O "O5'" . U   B 1 3 ? 2.872   -6.641  -9.668  1.00 18.41 ? 13  U   B "O5'" 1 
ATOM   200 C "C5'" . U   B 1 3 ? 3.018   -6.337  -11.044 1.00 15.49 ? 13  U   B "C5'" 1 
ATOM   201 C "C4'" . U   B 1 3 ? 2.090   -5.218  -11.424 1.00 17.44 ? 13  U   B "C4'" 1 
ATOM   202 O "O4'" . U   B 1 3 ? 0.725   -5.634  -11.163 1.00 16.30 ? 13  U   B "O4'" 1 
ATOM   203 C "C3'" . U   B 1 3 ? 2.240   -3.941  -10.611 1.00 20.49 ? 13  U   B "C3'" 1 
ATOM   204 O "O3'" . U   B 1 3 ? 3.290   -3.103  -11.061 1.00 16.25 ? 13  U   B "O3'" 1 
ATOM   205 C "C2'" . U   B 1 3 ? 0.859   -3.312  -10.716 1.00 17.63 ? 13  U   B "C2'" 1 
ATOM   206 O "O2'" . U   B 1 3 ? 0.690   -2.698  -11.984 1.00 18.95 ? 13  U   B "O2'" 1 
ATOM   207 C "C1'" . U   B 1 3 ? -0.029  -4.551  -10.668 1.00 14.67 ? 13  U   B "C1'" 1 
ATOM   208 N N1    . U   B 1 3 ? -0.479  -4.880  -9.298  1.00 15.14 ? 13  U   B N1    1 
ATOM   209 C C2    . U   B 1 3 ? -1.571  -4.196  -8.820  1.00 17.03 ? 13  U   B C2    1 
ATOM   210 O O2    . U   B 1 3 ? -2.138  -3.342  -9.475  1.00 17.94 ? 13  U   B O2    1 
ATOM   211 N N3    . U   B 1 3 ? -1.969  -4.544  -7.557  1.00 18.86 ? 13  U   B N3    1 
ATOM   212 C C4    . U   B 1 3 ? -1.400  -5.491  -6.737  1.00 19.88 ? 13  U   B C4    1 
ATOM   213 O O4    . U   B 1 3 ? -1.880  -5.685  -5.621  1.00 21.74 ? 13  U   B O4    1 
ATOM   214 C C5    . U   B 1 3 ? -0.277  -6.165  -7.308  1.00 17.93 ? 13  U   B C5    1 
ATOM   215 C C6    . U   B 1 3 ? 0.130   -5.848  -8.540  1.00 16.71 ? 13  U   B C6    1 
ATOM   216 P P     . G   B 1 4 ? 3.918   -2.024  -10.054 1.00 21.84 ? 14  G   B P     1 
ATOM   217 O OP1   . G   B 1 4 ? 5.221   -1.591  -10.599 1.00 29.82 ? 14  G   B OP1   1 
ATOM   218 O OP2   . G   B 1 4 ? 3.835   -2.548  -8.670  1.00 19.64 ? 14  G   B OP2   1 
ATOM   219 O "O5'" . G   B 1 4 ? 2.933   -0.785  -10.161 1.00 18.08 ? 14  G   B "O5'" 1 
ATOM   220 C "C5'" . G   B 1 4 ? 2.795   -0.080  -11.380 1.00 16.44 ? 14  G   B "C5'" 1 
ATOM   221 C "C4'" . G   B 1 4 ? 1.819   1.057   -11.239 1.00 18.67 ? 14  G   B "C4'" 1 
ATOM   222 O "O4'" . G   B 1 4 ? 0.482   0.531   -11.022 1.00 16.59 ? 14  G   B "O4'" 1 
ATOM   223 C "C3'" . G   B 1 4 ? 2.038   1.991   -10.058 1.00 17.13 ? 14  G   B "C3'" 1 
ATOM   224 O "O3'" . G   B 1 4 ? 3.055   2.952   -10.277 1.00 17.07 ? 14  G   B "O3'" 1 
ATOM   225 C "C2'" . G   B 1 4 ? 0.655   2.592   -9.866  1.00 17.95 ? 14  G   B "C2'" 1 
ATOM   226 O "O2'" . G   B 1 4 ? 0.394   3.557   -10.875 1.00 15.65 ? 14  G   B "O2'" 1 
ATOM   227 C "C1'" . G   B 1 4 ? -0.226  1.375   -10.138 1.00 18.03 ? 14  G   B "C1'" 1 
ATOM   228 N N9    . G   B 1 4 ? -0.505  0.616   -8.906  1.00 16.34 ? 14  G   B N9    1 
ATOM   229 C C8    . G   B 1 4 ? 0.107   -0.541  -8.506  1.00 15.72 ? 14  G   B C8    1 
ATOM   230 N N7    . G   B 1 4 ? -0.345  -0.997  -7.377  1.00 15.95 ? 14  G   B N7    1 
ATOM   231 C C5    . G   B 1 4 ? -1.318  -0.084  -7.009  1.00 15.23 ? 14  G   B C5    1 
ATOM   232 C C6    . G   B 1 4 ? -2.155  -0.050  -5.866  1.00 15.78 ? 14  G   B C6    1 
ATOM   233 O O6    . G   B 1 4 ? -2.200  -0.850  -4.925  1.00 16.47 ? 14  G   B O6    1 
ATOM   234 N N1    . G   B 1 4 ? -3.003  1.054   -5.880  1.00 16.90 ? 14  G   B N1    1 
ATOM   235 C C2    . G   B 1 4 ? -3.040  2.008   -6.868  1.00 18.32 ? 14  G   B C2    1 
ATOM   236 N N2    . G   B 1 4 ? -3.930  2.999   -6.703  1.00 18.43 ? 14  G   B N2    1 
ATOM   237 N N3    . G   B 1 4 ? -2.262  1.986   -7.939  1.00 19.60 ? 14  G   B N3    1 
ATOM   238 C C4    . G   B 1 4 ? -1.432  0.920   -7.942  1.00 17.77 ? 14  G   B C4    1 
ATOM   239 P P     . A   B 1 5 ? 4.047   3.352   -9.079  1.00 20.51 ? 15  A   B P     1 
ATOM   240 O OP1   . A   B 1 5 ? 5.104   4.239   -9.631  1.00 17.46 ? 15  A   B OP1   1 
ATOM   241 O OP2   . A   B 1 5 ? 4.395   2.113   -8.341  1.00 21.31 ? 15  A   B OP2   1 
ATOM   242 O "O5'" . A   B 1 5 ? 3.148   4.223   -8.100  1.00 19.27 ? 15  A   B "O5'" 1 
ATOM   243 C "C5'" . A   B 1 5 ? 2.677   5.499   -8.498  1.00 18.88 ? 15  A   B "C5'" 1 
ATOM   244 C "C4'" . A   B 1 5 ? 1.471   5.934   -7.703  1.00 17.43 ? 15  A   B "C4'" 1 
ATOM   245 O "O4'" . A   B 1 5 ? 0.473   4.876   -7.657  1.00 15.99 ? 15  A   B "O4'" 1 
ATOM   246 C "C3'" . A   B 1 5 ? 1.699   6.279   -6.240  1.00 16.38 ? 15  A   B "C3'" 1 
ATOM   247 O "O3'" . A   B 1 5 ? 2.278   7.560   -6.058  1.00 17.28 ? 15  A   B "O3'" 1 
ATOM   248 C "C2'" . A   B 1 5 ? 0.294   6.160   -5.668  1.00 14.57 ? 15  A   B "C2'" 1 
ATOM   249 O "O2'" . A   B 1 5 ? -0.482  7.288   -6.043  1.00 13.07 ? 15  A   B "O2'" 1 
ATOM   250 C "C1'" . A   B 1 5 ? -0.233  4.946   -6.433  1.00 16.66 ? 15  A   B "C1'" 1 
ATOM   251 N N9    . A   B 1 5 ? -0.013  3.695   -5.680  1.00 15.73 ? 15  A   B N9    1 
ATOM   252 C C8    . A   B 1 5 ? 0.879   2.677   -5.916  1.00 17.50 ? 15  A   B C8    1 
ATOM   253 N N7    . A   B 1 5 ? 0.822   1.706   -5.035  1.00 17.37 ? 15  A   B N7    1 
ATOM   254 C C5    . A   B 1 5 ? -0.170  2.120   -4.160  1.00 16.14 ? 15  A   B C5    1 
ATOM   255 C C6    . A   B 1 5 ? -0.719  1.545   -3.004  1.00 15.87 ? 15  A   B C6    1 
ATOM   256 N N6    . A   B 1 5 ? -0.331  0.375   -2.497  1.00 15.45 ? 15  A   B N6    1 
ATOM   257 N N1    . A   B 1 5 ? -1.695  2.224   -2.371  1.00 16.45 ? 15  A   B N1    1 
ATOM   258 C C2    . A   B 1 5 ? -2.090  3.399   -2.870  1.00 16.72 ? 15  A   B C2    1 
ATOM   259 N N3    . A   B 1 5 ? -1.651  4.042   -3.945  1.00 16.18 ? 15  A   B N3    1 
ATOM   260 C C4    . A   B 1 5 ? -0.686  3.339   -4.547  1.00 16.17 ? 15  A   B C4    1 
ATOM   261 P P     . U   B 1 6 ? 3.207   7.868   -4.782  1.00 17.21 ? 16  U   B P     1 
ATOM   262 O OP1   . U   B 1 6 ? 3.732   9.246   -4.958  1.00 17.98 ? 16  U   B OP1   1 
ATOM   263 O OP2   . U   B 1 6 ? 4.140   6.737   -4.579  1.00 16.37 ? 16  U   B OP2   1 
ATOM   264 O "O5'" . U   B 1 6 ? 2.189   7.925   -3.556  1.00 16.56 ? 16  U   B "O5'" 1 
ATOM   265 C "C5'" . U   B 1 6 ? 1.317   9.035   -3.403  1.00 16.45 ? 16  U   B "C5'" 1 
ATOM   266 C "C4'" . U   B 1 6 ? 0.320   8.847   -2.284  1.00 17.82 ? 16  U   B "C4'" 1 
ATOM   267 O "O4'" . U   B 1 6 ? -0.418  7.606   -2.450  1.00 17.88 ? 16  U   B "O4'" 1 
ATOM   268 C "C3'" . U   B 1 6 ? 0.870   8.739   -0.873  1.00 18.50 ? 16  U   B "C3'" 1 
ATOM   269 O "O3'" . U   B 1 6 ? 1.267   9.983   -0.326  1.00 19.80 ? 16  U   B "O3'" 1 
ATOM   270 C "C2'" . U   B 1 6 ? -0.289  8.094   -0.134  1.00 18.79 ? 16  U   B "C2'" 1 
ATOM   271 O "O2'" . U   B 1 6 ? -1.322  9.044   0.078   1.00 19.23 ? 16  U   B "O2'" 1 
ATOM   272 C "C1'" . U   B 1 6 ? -0.780  7.093   -1.182  1.00 16.37 ? 16  U   B "C1'" 1 
ATOM   273 N N1    . U   B 1 6 ? -0.155  5.763   -1.000  1.00 17.04 ? 16  U   B N1    1 
ATOM   274 C C2    . U   B 1 6 ? -0.606  4.978   0.042   1.00 14.98 ? 16  U   B C2    1 
ATOM   275 O O2    . U   B 1 6 ? -1.487  5.328   0.803   1.00 16.83 ? 16  U   B O2    1 
ATOM   276 N N3    . U   B 1 6 ? 0.011   3.764   0.171   1.00 15.72 ? 16  U   B N3    1 
ATOM   277 C C4    . U   B 1 6 ? 1.014   3.255   -0.620  1.00 17.18 ? 16  U   B C4    1 
ATOM   278 O O4    . U   B 1 6 ? 1.466   2.134   -0.374  1.00 18.30 ? 16  U   B O4    1 
ATOM   279 C C5    . U   B 1 6 ? 1.432   4.125   -1.676  1.00 17.06 ? 16  U   B C5    1 
ATOM   280 C C6    . U   B 1 6 ? 0.850   5.318   -1.825  1.00 17.94 ? 16  U   B C6    1 
ATOM   281 P P     . C   B 1 7 ? 2.474   10.040  0.734   1.00 20.48 ? 17  C   B P     1 
ATOM   282 O OP1   . C   B 1 7 ? 2.720   11.460  1.083   1.00 22.81 ? 17  C   B OP1   1 
ATOM   283 O OP2   . C   B 1 7 ? 3.581   9.222   0.202   1.00 22.98 ? 17  C   B OP2   1 
ATOM   284 O "O5'" . C   B 1 7 ? 1.908   9.279   2.014   1.00 22.26 ? 17  C   B "O5'" 1 
ATOM   285 C "C5'" . C   B 1 7 ? 1.062   9.935   2.943   1.00 18.84 ? 17  C   B "C5'" 1 
ATOM   286 C "C4'" . C   B 1 7 ? 0.500   8.972   3.952   1.00 19.41 ? 17  C   B "C4'" 1 
ATOM   287 O "O4'" . C   B 1 7 ? 0.006   7.784   3.272   1.00 17.47 ? 17  C   B "O4'" 1 
ATOM   288 C "C3'" . C   B 1 7 ? 1.472   8.398   4.975   1.00 16.91 ? 17  C   B "C3'" 1 
ATOM   289 O "O3'" . C   B 1 7 ? 1.784   9.275   6.034   1.00 17.89 ? 17  C   B "O3'" 1 
ATOM   290 C "C2'" . C   B 1 7 ? 0.750   7.146   5.427   1.00 18.85 ? 17  C   B "C2'" 1 
ATOM   291 O "O2'" . C   B 1 7 ? -0.319  7.481   6.303   1.00 20.46 ? 17  C   B "O2'" 1 
ATOM   292 C "C1'" . C   B 1 7 ? 0.157   6.658   4.120   1.00 15.80 ? 17  C   B "C1'" 1 
ATOM   293 N N1    . C   B 1 7 ? 1.037   5.663   3.469   1.00 14.35 ? 17  C   B N1    1 
ATOM   294 C C2    . C   B 1 7 ? 1.084   4.393   4.036   1.00 15.64 ? 17  C   B C2    1 
ATOM   295 O O2    . C   B 1 7 ? 0.397   4.150   5.039   1.00 15.49 ? 17  C   B O2    1 
ATOM   296 N N3    . C   B 1 7 ? 1.865   3.455   3.475   1.00 16.63 ? 17  C   B N3    1 
ATOM   297 C C4    . C   B 1 7 ? 2.585   3.740   2.400   1.00 17.39 ? 17  C   B C4    1 
ATOM   298 N N4    . C   B 1 7 ? 3.338   2.765   1.893   1.00 24.15 ? 17  C   B N4    1 
ATOM   299 C C5    . C   B 1 7 ? 2.563   5.030   1.807   1.00 16.79 ? 17  C   B C5    1 
ATOM   300 C C6    . C   B 1 7 ? 1.781   5.955   2.369   1.00 16.66 ? 17  C   B C6    1 
ATOM   301 P P     . G   B 1 8 ? 2.942   8.857   7.070   1.00 23.71 ? 18  G   B P     1 
ATOM   302 O OP1   . G   B 1 8 ? 3.229   10.025  7.934   1.00 21.75 ? 18  G   B OP1   1 
ATOM   303 O OP2   . G   B 1 8 ? 4.045   8.222   6.311   1.00 20.70 ? 18  G   B OP2   1 
ATOM   304 O "O5'" . G   B 1 8 ? 2.278   7.737   7.983   1.00 15.55 ? 18  G   B "O5'" 1 
ATOM   305 C "C5'" . G   B 1 8 ? 1.348   8.078   8.997   1.00 16.15 ? 18  G   B "C5'" 1 
ATOM   306 C "C4'" . G   B 1 8 ? 1.123   6.922   9.935   1.00 16.02 ? 18  G   B "C4'" 1 
ATOM   307 O "O4'" . G   B 1 8 ? 0.722   5.759   9.168   1.00 15.19 ? 18  G   B "O4'" 1 
ATOM   308 C "C3'" . G   B 1 8 ? 2.341   6.451   10.719  1.00 16.71 ? 18  G   B "C3'" 1 
ATOM   309 O "O3'" . G   B 1 8 ? 2.592   7.225   11.879  1.00 14.99 ? 18  G   B "O3'" 1 
ATOM   310 C "C2'" . G   B 1 8 ? 1.994   5.001   11.019  1.00 15.94 ? 18  G   B "C2'" 1 
ATOM   311 O "O2'" . G   B 1 8 ? 1.064   4.929   12.089  1.00 13.27 ? 18  G   B "O2'" 1 
ATOM   312 C "C1'" . G   B 1 8 ? 1.286   4.595   9.728   1.00 14.61 ? 18  G   B "C1'" 1 
ATOM   313 N N9    . G   B 1 8 ? 2.217   4.017   8.736   1.00 15.75 ? 18  G   B N9    1 
ATOM   314 C C8    . G   B 1 8 ? 2.702   4.616   7.599   1.00 15.76 ? 18  G   B C8    1 
ATOM   315 N N7    . G   B 1 8 ? 3.509   3.858   6.914   1.00 14.82 ? 18  G   B N7    1 
ATOM   316 C C5    . G   B 1 8 ? 3.558   2.679   7.644   1.00 15.13 ? 18  G   B C5    1 
ATOM   317 C C6    . G   B 1 8 ? 4.271   1.472   7.405   1.00 15.96 ? 18  G   B C6    1 
ATOM   318 O O6    . G   B 1 8 ? 5.030   1.190   6.467   1.00 16.75 ? 18  G   B O6    1 
ATOM   319 N N1    . G   B 1 8 ? 4.032   0.534   8.406   1.00 17.26 ? 18  G   B N1    1 
ATOM   320 C C2    . G   B 1 8 ? 3.216   0.723   9.493   1.00 14.91 ? 18  G   B C2    1 
ATOM   321 N N2    . G   B 1 8 ? 3.114   -0.298  10.349  1.00 15.21 ? 18  G   B N2    1 
ATOM   322 N N3    . G   B 1 8 ? 2.550   1.837   9.725   1.00 15.62 ? 18  G   B N3    1 
ATOM   323 C C4    . G   B 1 8 ? 2.767   2.764   8.770   1.00 15.78 ? 18  G   B C4    1 
ATOM   324 P P     . DC  B 1 9 ? 4.100   7.540   12.340  1.00 18.50 ? 19  DC  B P     1 
ATOM   325 O OP1   . DC  B 1 9 ? 4.000   8.398   13.539  1.00 15.96 ? 19  DC  B OP1   1 
ATOM   326 O OP2   . DC  B 1 9 ? 4.853   8.001   11.161  1.00 19.80 ? 19  DC  B OP2   1 
ATOM   327 O "O5'" . DC  B 1 9 ? 4.683   6.108   12.771  1.00 17.81 ? 19  DC  B "O5'" 1 
ATOM   328 C "C5'" . DC  B 1 9 ? 4.176   5.452   13.937  1.00 15.76 ? 19  DC  B "C5'" 1 
ATOM   329 C "C4'" . DC  B 1 9 ? 4.724   4.038   14.071  1.00 16.30 ? 19  DC  B "C4'" 1 
ATOM   330 O "O4'" . DC  B 1 9 ? 4.383   3.261   12.901  1.00 13.28 ? 19  DC  B "O4'" 1 
ATOM   331 C "C3'" . DC  B 1 9 ? 6.237   3.918   14.165  1.00 20.28 ? 19  DC  B "C3'" 1 
ATOM   332 O "O3'" . DC  B 1 9 ? 6.679   4.172   15.499  1.00 21.60 ? 19  DC  B "O3'" 1 
ATOM   333 C "C2'" . DC  B 1 9 ? 6.435   2.455   13.779  1.00 15.03 ? 19  DC  B "C2'" 1 
ATOM   334 C "C1'" . DC  B 1 9 ? 5.385   2.283   12.678  1.00 13.93 ? 19  DC  B "C1'" 1 
ATOM   335 N N1    . DC  B 1 9 ? 5.938   2.480   11.327  1.00 14.19 ? 19  DC  B N1    1 
ATOM   336 C C2    . DC  B 1 9 ? 6.696   1.467   10.746  1.00 15.75 ? 19  DC  B C2    1 
ATOM   337 O O2    . DC  B 1 9 ? 6.879   0.419   11.371  1.00 17.47 ? 19  DC  B O2    1 
ATOM   338 N N3    . DC  B 1 9 ? 7.209   1.661   9.508   1.00 18.09 ? 19  DC  B N3    1 
ATOM   339 C C4    . DC  B 1 9 ? 6.987   2.809   8.865   1.00 16.98 ? 19  DC  B C4    1 
ATOM   340 N N4    . DC  B 1 9 ? 7.516   2.956   7.646   1.00 16.64 ? 19  DC  B N4    1 
ATOM   341 C C5    . DC  B 1 9 ? 6.217   3.854   9.445   1.00 17.31 ? 19  DC  B C5    1 
ATOM   342 C C6    . DC  B 1 9 ? 5.717   3.649   10.667  1.00 15.97 ? 19  DC  B C6    1 
HETATM 343 S S     . SO4 C 2 . ? 2.305   -0.648  14.406  0.33 15.41 ? 101 SO4 B S     1 
HETATM 344 O O1    . SO4 C 2 . ? 2.863   -1.889  13.882  0.33 14.46 ? 101 SO4 B O1    1 
HETATM 345 O O2    . SO4 C 2 . ? 1.034   -0.917  15.067  0.33 14.94 ? 101 SO4 B O2    1 
HETATM 346 O O3    . SO4 C 2 . ? 2.094   0.296   13.314  0.33 15.01 ? 101 SO4 B O3    1 
HETATM 347 O O4    . SO4 C 2 . ? 3.228   -0.077  15.378  0.33 15.87 ? 101 SO4 B O4    1 
HETATM 348 O O     . HOH D 3 . ? -4.384  -4.027  3.027   1.00 19.01 ? 101 HOH A O     1 
HETATM 349 O O     . HOH D 3 . ? -12.030 2.217   -13.539 0.33 15.78 ? 102 HOH A O     1 
HETATM 350 O O     . HOH D 3 . ? -10.145 4.863   2.610   1.00 22.29 ? 103 HOH A O     1 
HETATM 351 O O     . HOH D 3 . ? 3.806   -10.496 9.497   1.00 15.89 ? 104 HOH A O     1 
HETATM 352 O O     . HOH D 3 . ? -0.747  -0.113  9.854   1.00 18.01 ? 105 HOH A O     1 
HETATM 353 O O     . HOH D 3 . ? -0.830  -1.168  11.842  1.00 16.07 ? 106 HOH A O     1 
HETATM 354 O O     . HOH D 3 . ? -5.264  -5.536  10.048  0.33 14.32 ? 107 HOH A O     1 
HETATM 355 O O     . HOH D 3 . ? 10.970  -9.311  9.019   1.00 17.46 ? 108 HOH A O     1 
HETATM 356 O O     . HOH D 3 . ? -9.423  -1.172  -3.155  1.00 19.64 ? 109 HOH A O     1 
HETATM 357 O O     . HOH D 3 . ? -5.098  -8.299  6.083   1.00 15.74 ? 110 HOH A O     1 
HETATM 358 O O     . HOH D 3 . ? -14.803 -0.771  -12.046 1.00 22.57 ? 111 HOH A O     1 
HETATM 359 O O     . HOH D 3 . ? -6.605  5.313   -6.771  1.00 20.90 ? 112 HOH A O     1 
HETATM 360 O O     . HOH D 3 . ? -1.700  -9.127  5.821   1.00 17.10 ? 113 HOH A O     1 
HETATM 361 O O     . HOH D 3 . ? -8.786  -7.260  -7.891  1.00 21.40 ? 114 HOH A O     1 
HETATM 362 O O     . HOH D 3 . ? -4.476  2.844   -10.915 1.00 19.05 ? 115 HOH A O     1 
HETATM 363 O O     . HOH D 3 . ? -12.707 4.285   3.883   1.00 27.47 ? 116 HOH A O     1 
HETATM 364 O O     . HOH E 3 . ? 1.812   4.278   -12.494 1.00 18.08 ? 201 HOH B O     1 
HETATM 365 O O     . HOH E 3 . ? -0.198  -2.170  16.518  1.00 17.61 ? 202 HOH B O     1 
HETATM 366 O O     . HOH E 3 . ? 1.436   3.477   13.823  1.00 16.01 ? 203 HOH B O     1 
HETATM 367 O O     . HOH E 3 . ? -1.575  -2.831  -3.950  1.00 16.30 ? 204 HOH B O     1 
HETATM 368 O O     . HOH E 3 . ? 4.944   11.836  1.863   1.00 18.54 ? 205 HOH B O     1 
HETATM 369 O O     . HOH E 3 . ? -1.181  5.252   -11.542 1.00 19.78 ? 206 HOH B O     1 
HETATM 370 O O     . HOH E 3 . ? 5.135   7.570   8.702   1.00 21.01 ? 207 HOH B O     1 
HETATM 371 O O     . HOH E 3 . ? 3.812   -10.377 -11.646 1.00 25.73 ? 208 HOH B O     1 
HETATM 372 O O     . HOH E 3 . ? 2.086   9.984   13.038  1.00 15.21 ? 209 HOH B O     1 
HETATM 373 O O     . HOH E 3 . ? 4.082   1.957   -0.981  1.00 19.00 ? 210 HOH B O     1 
HETATM 374 O O     . HOH E 3 . ? 8.100   3.144   17.547  0.33 13.19 ? 211 HOH B O     1 
HETATM 375 O O     . HOH E 3 . ? 6.449   1.723   4.236   1.00 15.28 ? 212 HOH B O     1 
HETATM 376 O O     . HOH E 3 . ? 7.261   -5.946  -8.825  1.00 20.93 ? 213 HOH B O     1 
HETATM 377 O O     . HOH E 3 . ? 5.278   4.100   4.744   1.00 22.24 ? 214 HOH B O     1 
HETATM 378 O O     . HOH E 3 . ? 6.790   6.642   -5.743  1.00 23.04 ? 215 HOH B O     1 
HETATM 379 O O     . HOH E 3 . ? 5.415   4.110   -6.287  1.00 21.54 ? 216 HOH B O     1 
HETATM 380 O O     . HOH E 3 . ? -3.142  6.756   -4.880  1.00 14.80 ? 217 HOH B O     1 
HETATM 381 O O     . HOH E 3 . ? -1.775  -8.209  -4.090  1.00 23.79 ? 218 HOH B O     1 
HETATM 382 O O     . HOH E 3 . ? 6.524   10.190  -4.764  1.00 20.31 ? 219 HOH B O     1 
HETATM 383 O O     . HOH E 3 . ? 0.210   10.165  -6.673  0.33 13.75 ? 220 HOH B O     1 
HETATM 384 O O     . HOH E 3 . ? 2.247   -1.328  -2.211  1.00 23.28 ? 221 HOH B O     1 
HETATM 385 O O     . HOH E 3 . ? 8.666   5.547   6.259   1.00 23.25 ? 222 HOH B O     1 
HETATM 386 O O     . HOH E 3 . ? -6.473  -9.108  -6.310  1.00 19.86 ? 223 HOH B O     1 
HETATM 387 O O     . HOH E 3 . ? 6.414   0.783   0.794   1.00 26.65 ? 224 HOH B O     1 
HETATM 388 O O     . HOH E 3 . ? -4.912  -7.947  -3.620  1.00 28.71 ? 225 HOH B O     1 
HETATM 389 O O     . HOH E 3 . ? -0.213  13.187  3.929   1.00 24.21 ? 226 HOH B O     1 
HETATM 390 O O     . HOH E 3 . ? 10.235  4.973   -3.783  1.00 16.89 ? 227 HOH B O     1 
# 
